data_8Q3Z
#
_entry.id   8Q3Z
#
_cell.length_a   57.966
_cell.length_b   79.133
_cell.length_c   94.214
_cell.angle_alpha   90.000
_cell.angle_beta   95.580
_cell.angle_gamma   90.000
#
_symmetry.space_group_name_H-M   'P 1 21 1'
#
loop_
_entity.id
_entity.type
_entity.pdbx_description
1 polymer 'DUF1887 family protein'
2 polymer 'Cyclic tetraadenosine monophosphate (cA4)'
3 non-polymer 'MANGANESE (II) ION'
#
loop_
_entity_poly.entity_id
_entity_poly.type
_entity_poly.pdbx_seq_one_letter_code
_entity_poly.pdbx_strand_id
1 'polypeptide(L)'
;SNMNEKVLVLIVGTNPLPNYVVGSHLKEKYDKFVLIYSEKNDKINQNSTYDYAKKLKEHLNLNDKCIFLPLSDVSNSEKI
INDLREKFPSEDFVEVHLNYTGGTKTMVVHIYNFLKEKFKNNKIKFEGSYLDARDYKLVYDYSEEAISLKDTIKIDINTL
LSIHLYEDIHFEFYDTYSYKQKFVDSFDKISQEIEKAIKDDKGEDFVKWLEDPFRKIFKGENKLLEKTAKFKKHIEKLLK
DNDSSPIVKFNEKTPQFIWDILNAFPEGKKLNDGQKLWIPDDKITNDNLSSRVKDTVEFLNGKWFEWYVYSQIKSELLDR
KLKEGEHFGISLKAQKKDSPYFELDIFLINGYQLIGISLTTSSTRELCKLKGFEVIHRVRQIGGDESKAILITGMDKSKT
EDLQKDLAYETGSTQKRFVVFGIDDWADIGSKICEEVFK
;
A,B
2 'polyribonucleotide' AAAA X
#
loop_
_chem_comp.id
_chem_comp.type
_chem_comp.name
_chem_comp.formula
A RNA linking ADENOSINE-5'-MONOPHOSPHATE 'C10 H14 N5 O7 P'
MN non-polymer 'MANGANESE (II) ION' 'Mn 2'
#
# COMPACT_ATOMS: atom_id res chain seq x y z
N MET A 3 -1.98 -50.41 1.76
CA MET A 3 -2.11 -49.34 0.79
C MET A 3 -3.26 -48.41 1.19
N ASN A 4 -4.22 -48.24 0.28
CA ASN A 4 -5.38 -47.36 0.50
C ASN A 4 -4.95 -45.95 0.86
N GLU A 5 -3.84 -45.52 0.28
CA GLU A 5 -3.27 -44.22 0.58
C GLU A 5 -3.99 -43.11 -0.18
N LYS A 6 -4.32 -42.04 0.53
CA LYS A 6 -4.95 -40.86 -0.05
C LYS A 6 -3.98 -39.70 0.00
N VAL A 7 -3.81 -39.02 -1.12
CA VAL A 7 -2.80 -37.97 -1.25
C VAL A 7 -3.50 -36.65 -1.57
N LEU A 8 -2.94 -35.57 -1.03
CA LEU A 8 -3.44 -34.21 -1.28
C LEU A 8 -2.33 -33.43 -1.96
N VAL A 9 -2.61 -32.89 -3.14
CA VAL A 9 -1.63 -32.16 -3.93
C VAL A 9 -1.97 -30.68 -3.85
N LEU A 10 -1.04 -29.89 -3.30
CA LEU A 10 -1.24 -28.46 -3.11
C LEU A 10 -0.28 -27.69 -4.01
N ILE A 11 -0.79 -26.65 -4.67
CA ILE A 11 0.04 -25.75 -5.46
C ILE A 11 0.38 -24.56 -4.60
N VAL A 12 1.67 -24.36 -4.35
CA VAL A 12 2.15 -23.35 -3.41
C VAL A 12 2.60 -22.13 -4.19
N GLY A 13 1.90 -21.02 -4.00
CA GLY A 13 2.23 -19.74 -4.60
C GLY A 13 2.86 -18.80 -3.60
N THR A 14 2.68 -17.50 -3.84
CA THR A 14 3.21 -16.48 -2.93
C THR A 14 2.23 -16.10 -1.83
N ASN A 15 1.00 -16.61 -1.87
CA ASN A 15 0.04 -16.44 -0.78
C ASN A 15 -0.15 -17.77 -0.07
N PRO A 16 0.42 -17.96 1.11
CA PRO A 16 0.40 -19.28 1.75
C PRO A 16 -0.88 -19.58 2.49
N LEU A 17 -1.60 -18.54 2.92
CA LEU A 17 -2.81 -18.72 3.73
C LEU A 17 -3.85 -19.62 3.09
N PRO A 18 -4.19 -19.49 1.79
CA PRO A 18 -5.22 -20.38 1.23
C PRO A 18 -4.85 -21.86 1.30
N ASN A 19 -3.56 -22.19 1.20
CA ASN A 19 -3.16 -23.59 1.35
C ASN A 19 -3.30 -24.05 2.79
N TYR A 20 -2.97 -23.19 3.75
CA TYR A 20 -3.08 -23.56 5.16
C TYR A 20 -4.53 -23.87 5.54
N VAL A 21 -5.47 -23.09 5.03
CA VAL A 21 -6.88 -23.29 5.34
C VAL A 21 -7.36 -24.62 4.78
N VAL A 22 -7.07 -24.87 3.51
CA VAL A 22 -7.53 -26.10 2.88
C VAL A 22 -6.83 -27.31 3.49
N GLY A 23 -5.55 -27.17 3.83
CA GLY A 23 -4.84 -28.27 4.46
C GLY A 23 -5.42 -28.65 5.80
N SER A 24 -5.74 -27.64 6.62
CA SER A 24 -6.29 -27.91 7.94
C SER A 24 -7.64 -28.63 7.86
N HIS A 25 -8.44 -28.31 6.84
CA HIS A 25 -9.75 -28.93 6.69
C HIS A 25 -9.68 -30.34 6.14
N LEU A 26 -8.60 -30.69 5.45
CA LEU A 26 -8.49 -32.00 4.80
C LEU A 26 -7.32 -32.83 5.31
N LYS A 27 -6.62 -32.38 6.35
CA LYS A 27 -5.45 -33.12 6.82
C LYS A 27 -5.79 -34.53 7.26
N GLU A 28 -6.92 -34.69 7.96
CA GLU A 28 -7.23 -35.98 8.55
C GLU A 28 -7.63 -37.00 7.49
N LYS A 29 -8.40 -36.58 6.48
CA LYS A 29 -8.93 -37.48 5.46
C LYS A 29 -7.94 -37.79 4.35
N TYR A 30 -6.65 -37.51 4.55
CA TYR A 30 -5.62 -37.87 3.58
C TYR A 30 -4.38 -38.34 4.33
N ASP A 31 -3.58 -39.15 3.64
CA ASP A 31 -2.44 -39.82 4.24
C ASP A 31 -1.10 -39.25 3.83
N LYS A 32 -0.95 -38.78 2.60
CA LYS A 32 0.28 -38.16 2.13
C LYS A 32 -0.06 -36.84 1.47
N PHE A 33 0.92 -35.95 1.40
CA PHE A 33 0.70 -34.60 0.90
C PHE A 33 1.84 -34.21 -0.04
N VAL A 34 1.48 -33.70 -1.21
CA VAL A 34 2.44 -33.26 -2.21
C VAL A 34 2.31 -31.74 -2.33
N LEU A 35 3.34 -31.02 -1.91
CA LEU A 35 3.39 -29.57 -1.99
C LEU A 35 4.21 -29.17 -3.20
N ILE A 36 3.53 -28.81 -4.28
CA ILE A 36 4.19 -28.42 -5.52
C ILE A 36 4.64 -26.97 -5.37
N TYR A 37 5.94 -26.76 -5.33
CA TYR A 37 6.52 -25.43 -5.18
C TYR A 37 7.36 -25.10 -6.41
N SER A 38 8.05 -23.95 -6.35
CA SER A 38 8.81 -23.44 -7.46
C SER A 38 10.27 -23.25 -7.06
N GLU A 39 11.12 -23.13 -8.07
CA GLU A 39 12.55 -22.91 -7.89
C GLU A 39 12.91 -21.49 -8.33
N LYS A 40 14.13 -21.08 -7.98
CA LYS A 40 14.63 -19.76 -8.28
C LYS A 40 15.49 -19.82 -9.55
N ASN A 41 15.17 -18.97 -10.51
CA ASN A 41 15.89 -18.91 -11.79
C ASN A 41 15.88 -17.45 -12.23
N ASP A 42 16.95 -16.73 -11.89
CA ASP A 42 17.02 -15.31 -12.20
C ASP A 42 17.07 -15.04 -13.70
N LYS A 43 17.39 -16.06 -14.50
CA LYS A 43 17.35 -15.88 -15.96
C LYS A 43 15.92 -15.65 -16.43
N ILE A 44 14.96 -16.40 -15.87
CA ILE A 44 13.55 -16.20 -16.19
C ILE A 44 12.85 -15.32 -15.16
N ASN A 45 13.62 -14.68 -14.27
CA ASN A 45 13.09 -13.75 -13.26
C ASN A 45 12.05 -14.42 -12.37
N GLN A 46 12.37 -15.65 -11.93
CA GLN A 46 11.45 -16.46 -11.14
C GLN A 46 12.07 -16.71 -9.76
N ASN A 47 11.27 -16.46 -8.74
CA ASN A 47 11.73 -16.74 -7.39
C ASN A 47 11.08 -18.02 -6.94
N SER A 48 11.45 -18.50 -5.77
CA SER A 48 11.00 -19.79 -5.28
C SER A 48 9.94 -19.62 -4.19
N THR A 49 8.90 -20.46 -4.25
CA THR A 49 7.90 -20.54 -3.20
C THR A 49 8.22 -21.64 -2.19
N TYR A 50 9.51 -21.95 -1.99
CA TYR A 50 9.88 -23.06 -1.12
C TYR A 50 9.78 -22.69 0.35
N ASP A 51 10.16 -21.47 0.71
CA ASP A 51 10.05 -21.02 2.10
C ASP A 51 8.62 -21.11 2.60
N TYR A 52 7.64 -20.85 1.72
CA TYR A 52 6.25 -21.04 2.09
C TYR A 52 5.91 -22.52 2.21
N ALA A 53 6.52 -23.36 1.35
CA ALA A 53 6.24 -24.79 1.43
C ALA A 53 6.80 -25.40 2.71
N LYS A 54 7.98 -24.94 3.14
CA LYS A 54 8.51 -25.39 4.43
C LYS A 54 7.60 -24.96 5.58
N LYS A 55 7.11 -23.71 5.53
CA LYS A 55 6.21 -23.23 6.59
C LYS A 55 4.89 -23.97 6.56
N LEU A 56 4.39 -24.34 5.38
CA LEU A 56 3.16 -25.11 5.29
C LEU A 56 3.34 -26.51 5.82
N LYS A 57 4.51 -27.11 5.59
CA LYS A 57 4.80 -28.42 6.16
C LYS A 57 4.88 -28.34 7.67
N GLU A 58 5.49 -27.29 8.21
CA GLU A 58 5.69 -27.18 9.65
C GLU A 58 4.37 -26.89 10.37
N HIS A 59 3.64 -25.87 9.92
CA HIS A 59 2.47 -25.42 10.67
C HIS A 59 1.25 -26.28 10.45
N LEU A 60 1.16 -27.01 9.34
CA LEU A 60 0.19 -28.08 9.20
C LEU A 60 0.68 -29.38 9.81
N ASN A 61 1.94 -29.43 10.26
CA ASN A 61 2.52 -30.61 10.90
C ASN A 61 2.33 -31.85 10.04
N LEU A 62 2.70 -31.73 8.76
CA LEU A 62 2.63 -32.86 7.85
C LEU A 62 3.82 -33.79 7.99
N ASN A 63 4.94 -33.29 8.52
CA ASN A 63 6.14 -34.09 8.78
C ASN A 63 6.62 -34.82 7.53
N ASP A 64 6.99 -36.09 7.70
CA ASP A 64 7.52 -36.88 6.59
C ASP A 64 6.43 -37.41 5.68
N LYS A 65 5.16 -37.25 6.05
CA LYS A 65 4.05 -37.57 5.16
C LYS A 65 3.86 -36.54 4.05
N CYS A 66 4.78 -35.58 3.95
CA CYS A 66 4.71 -34.52 2.97
C CYS A 66 5.78 -34.73 1.90
N ILE A 67 5.38 -34.52 0.64
CA ILE A 67 6.27 -34.68 -0.50
C ILE A 67 6.45 -33.34 -1.18
N PHE A 68 7.70 -32.92 -1.38
CA PHE A 68 8.01 -31.65 -2.02
C PHE A 68 8.29 -31.92 -3.50
N LEU A 69 7.44 -31.37 -4.36
CA LEU A 69 7.61 -31.48 -5.81
C LEU A 69 8.10 -30.15 -6.36
N PRO A 70 9.36 -30.02 -6.74
CA PRO A 70 9.86 -28.76 -7.30
C PRO A 70 9.56 -28.62 -8.77
N LEU A 71 9.34 -27.37 -9.20
CA LEU A 71 9.10 -27.03 -10.59
C LEU A 71 10.14 -26.00 -11.02
N SER A 72 10.79 -26.25 -12.16
CA SER A 72 11.90 -25.39 -12.54
C SER A 72 11.40 -24.12 -13.23
N ASP A 73 10.33 -24.23 -14.01
CA ASP A 73 9.72 -23.10 -14.69
C ASP A 73 8.22 -23.17 -14.45
N VAL A 74 7.68 -22.13 -13.79
CA VAL A 74 6.26 -22.08 -13.46
C VAL A 74 5.39 -21.62 -14.63
N SER A 75 5.99 -21.21 -15.76
CA SER A 75 5.21 -20.76 -16.90
C SER A 75 5.49 -21.52 -18.18
N ASN A 76 6.28 -22.58 -18.14
CA ASN A 76 6.61 -23.36 -19.32
C ASN A 76 5.85 -24.69 -19.23
N SER A 77 4.86 -24.86 -20.11
CA SER A 77 4.04 -26.06 -20.09
C SER A 77 4.89 -27.32 -20.16
N GLU A 78 5.93 -27.32 -20.98
CA GLU A 78 6.75 -28.51 -21.17
C GLU A 78 7.52 -28.85 -19.90
N LYS A 79 8.22 -27.86 -19.33
CA LYS A 79 9.04 -28.10 -18.15
C LYS A 79 8.19 -28.40 -16.91
N ILE A 80 6.93 -27.97 -16.88
CA ILE A 80 6.05 -28.33 -15.77
C ILE A 80 5.72 -29.82 -15.81
N ILE A 81 5.12 -30.27 -16.91
CA ILE A 81 4.67 -31.66 -17.02
C ILE A 81 5.86 -32.61 -16.97
N ASN A 82 7.00 -32.19 -17.51
CA ASN A 82 8.21 -33.01 -17.44
C ASN A 82 8.57 -33.30 -16.00
N ASP A 83 8.79 -32.27 -15.20
CA ASP A 83 9.13 -32.44 -13.79
C ASP A 83 8.03 -33.17 -13.03
N LEU A 84 6.76 -32.99 -13.45
CA LEU A 84 5.66 -33.65 -12.76
C LEU A 84 5.78 -35.17 -12.86
N ARG A 85 5.89 -35.70 -14.07
CA ARG A 85 6.02 -37.14 -14.24
C ARG A 85 7.29 -37.65 -13.56
N GLU A 86 8.38 -36.88 -13.63
CA GLU A 86 9.65 -37.30 -13.07
C GLU A 86 9.72 -37.16 -11.55
N LYS A 87 8.79 -36.43 -10.93
CA LYS A 87 8.86 -36.18 -9.50
C LYS A 87 7.55 -36.41 -8.75
N PHE A 88 6.45 -36.68 -9.44
CA PHE A 88 5.25 -37.02 -8.68
C PHE A 88 5.37 -38.44 -8.14
N PRO A 89 4.88 -38.71 -6.93
CA PRO A 89 5.05 -40.03 -6.33
C PRO A 89 4.55 -41.15 -7.23
N SER A 90 5.39 -42.18 -7.37
CA SER A 90 5.09 -43.36 -8.15
C SER A 90 4.26 -44.38 -7.39
N GLU A 91 3.93 -44.10 -6.13
CA GLU A 91 3.12 -45.01 -5.34
C GLU A 91 1.68 -45.03 -5.88
N ASP A 92 0.98 -46.12 -5.55
CA ASP A 92 -0.43 -46.22 -5.89
C ASP A 92 -1.26 -45.42 -4.89
N PHE A 93 -2.45 -45.01 -5.33
CA PHE A 93 -3.34 -44.23 -4.49
C PHE A 93 -4.78 -44.59 -4.81
N VAL A 94 -5.65 -44.41 -3.83
CA VAL A 94 -7.08 -44.68 -3.98
C VAL A 94 -7.81 -43.35 -4.24
N GLU A 95 -7.23 -42.25 -3.76
CA GLU A 95 -7.81 -40.93 -3.98
C GLU A 95 -6.69 -39.92 -4.18
N VAL A 96 -6.81 -39.12 -5.24
CA VAL A 96 -5.85 -38.06 -5.55
C VAL A 96 -6.63 -36.76 -5.61
N HIS A 97 -6.43 -35.89 -4.64
CA HIS A 97 -7.13 -34.62 -4.53
C HIS A 97 -6.17 -33.47 -4.79
N LEU A 98 -6.57 -32.57 -5.67
CA LEU A 98 -5.76 -31.42 -6.04
C LEU A 98 -6.47 -30.14 -5.63
N ASN A 99 -5.77 -29.27 -4.90
CA ASN A 99 -6.25 -27.93 -4.61
C ASN A 99 -5.46 -26.98 -5.49
N TYR A 100 -6.07 -26.57 -6.60
CA TYR A 100 -5.44 -25.68 -7.57
C TYR A 100 -5.67 -24.20 -7.25
N THR A 101 -5.85 -23.87 -5.97
CA THR A 101 -6.12 -22.48 -5.60
C THR A 101 -4.89 -21.60 -5.78
N GLY A 102 -3.70 -22.13 -5.52
CA GLY A 102 -2.47 -21.37 -5.62
C GLY A 102 -1.69 -21.64 -6.90
N GLY A 103 -0.56 -20.98 -7.02
CA GLY A 103 0.26 -21.09 -8.21
C GLY A 103 -0.17 -20.20 -9.36
N THR A 104 0.55 -20.34 -10.47
CA THR A 104 0.23 -19.66 -11.70
C THR A 104 -0.98 -20.33 -12.29
N LYS A 105 -1.40 -19.83 -13.46
CA LYS A 105 -2.53 -20.46 -14.17
C LYS A 105 -1.93 -21.63 -14.95
N THR A 106 -0.74 -21.42 -15.51
CA THR A 106 -0.06 -22.48 -16.19
C THR A 106 0.04 -23.62 -15.21
N MET A 107 0.71 -23.41 -14.09
CA MET A 107 0.84 -24.50 -13.13
C MET A 107 -0.51 -25.18 -12.91
N VAL A 108 -1.56 -24.38 -12.68
CA VAL A 108 -2.87 -24.93 -12.35
C VAL A 108 -3.41 -25.76 -13.51
N VAL A 109 -3.33 -25.23 -14.73
CA VAL A 109 -3.89 -25.93 -15.89
C VAL A 109 -3.16 -27.25 -16.11
N HIS A 110 -1.83 -27.21 -16.09
CA HIS A 110 -1.06 -28.40 -16.46
C HIS A 110 -1.00 -29.43 -15.34
N ILE A 111 -1.07 -28.99 -14.08
CA ILE A 111 -1.12 -29.93 -12.97
C ILE A 111 -2.49 -30.60 -12.90
N TYR A 112 -3.55 -29.86 -13.21
CA TYR A 112 -4.89 -30.43 -13.16
C TYR A 112 -5.09 -31.47 -14.25
N ASN A 113 -4.68 -31.16 -15.49
CA ASN A 113 -4.87 -32.09 -16.60
C ASN A 113 -3.92 -33.28 -16.51
N PHE A 114 -2.72 -33.08 -15.95
CA PHE A 114 -1.78 -34.19 -15.78
C PHE A 114 -2.29 -35.19 -14.76
N LEU A 115 -2.77 -34.70 -13.63
CA LEU A 115 -3.30 -35.60 -12.60
C LEU A 115 -4.61 -36.22 -13.07
N LYS A 116 -5.37 -35.49 -13.85
CA LYS A 116 -6.60 -36.04 -14.42
C LYS A 116 -6.33 -37.18 -15.38
N GLU A 117 -5.15 -37.19 -16.01
CA GLU A 117 -4.78 -38.21 -16.98
C GLU A 117 -3.72 -39.16 -16.46
N LYS A 118 -3.43 -39.13 -15.15
CA LYS A 118 -2.52 -40.09 -14.53
C LYS A 118 -3.19 -40.92 -13.44
N PHE A 119 -4.25 -40.42 -12.84
CA PHE A 119 -4.93 -41.15 -11.76
C PHE A 119 -6.37 -41.36 -12.17
N LYS A 120 -7.09 -40.28 -12.45
CA LYS A 120 -8.43 -40.47 -12.99
C LYS A 120 -8.40 -41.30 -14.25
N ASN A 121 -7.24 -41.37 -14.91
CA ASN A 121 -7.04 -42.33 -15.99
C ASN A 121 -7.02 -43.77 -15.47
N ASN A 122 -6.61 -43.95 -14.21
CA ASN A 122 -6.60 -45.28 -13.60
C ASN A 122 -7.81 -45.46 -12.71
N LYS A 123 -8.91 -44.81 -13.06
CA LYS A 123 -10.13 -44.90 -12.25
C LYS A 123 -9.83 -44.76 -10.77
N ILE A 124 -8.91 -43.87 -10.41
CA ILE A 124 -8.61 -43.60 -9.02
C ILE A 124 -9.31 -42.31 -8.66
N LYS A 125 -9.88 -42.24 -7.46
CA LYS A 125 -10.64 -41.04 -7.11
C LYS A 125 -9.85 -39.79 -7.39
N PHE A 126 -10.43 -38.87 -8.16
CA PHE A 126 -9.74 -37.63 -8.48
C PHE A 126 -10.67 -36.46 -8.20
N GLU A 127 -10.18 -35.43 -7.54
CA GLU A 127 -11.04 -34.30 -7.17
C GLU A 127 -10.21 -33.03 -7.17
N GLY A 128 -10.79 -31.96 -7.70
CA GLY A 128 -10.19 -30.64 -7.68
C GLY A 128 -10.92 -29.75 -6.69
N SER A 129 -10.21 -28.76 -6.15
CA SER A 129 -10.79 -27.86 -5.18
C SER A 129 -10.17 -26.47 -5.33
N TYR A 130 -10.98 -25.46 -5.09
CA TYR A 130 -10.55 -24.07 -5.12
C TYR A 130 -11.25 -23.32 -4.00
N LEU A 131 -10.46 -22.56 -3.25
CA LEU A 131 -10.94 -21.83 -2.09
C LEU A 131 -11.37 -20.44 -2.53
N ASP A 132 -12.67 -20.17 -2.46
CA ASP A 132 -13.20 -18.86 -2.82
C ASP A 132 -12.77 -17.83 -1.79
N ALA A 133 -12.04 -16.81 -2.24
CA ALA A 133 -11.64 -15.70 -1.38
C ALA A 133 -12.75 -14.67 -1.19
N ARG A 134 -13.92 -14.92 -1.75
CA ARG A 134 -15.02 -13.96 -1.73
C ARG A 134 -16.17 -14.40 -0.82
N ASP A 135 -16.67 -15.63 -0.98
CA ASP A 135 -17.68 -16.19 -0.10
C ASP A 135 -17.12 -17.28 0.80
N TYR A 136 -15.80 -17.46 0.84
CA TYR A 136 -15.13 -18.29 1.84
C TYR A 136 -15.62 -19.74 1.79
N LYS A 137 -15.54 -20.33 0.61
CA LYS A 137 -16.00 -21.69 0.40
C LYS A 137 -14.95 -22.53 -0.31
N LEU A 138 -14.92 -23.81 0.02
CA LEU A 138 -14.09 -24.79 -0.66
C LEU A 138 -15.00 -25.56 -1.61
N VAL A 139 -14.84 -25.32 -2.91
CA VAL A 139 -15.71 -25.89 -3.93
C VAL A 139 -15.02 -27.09 -4.56
N TYR A 140 -15.74 -28.20 -4.67
CA TYR A 140 -15.24 -29.42 -5.28
C TYR A 140 -15.72 -29.49 -6.72
N ASP A 141 -14.84 -29.94 -7.61
CA ASP A 141 -15.13 -29.91 -9.05
C ASP A 141 -16.11 -31.01 -9.45
N TYR A 142 -15.81 -32.26 -9.09
CA TYR A 142 -16.63 -33.38 -9.52
C TYR A 142 -17.77 -33.67 -8.55
N SER A 143 -17.48 -33.73 -7.26
CA SER A 143 -18.54 -34.02 -6.28
C SER A 143 -19.53 -32.87 -6.16
N GLU A 144 -19.19 -31.68 -6.68
CA GLU A 144 -20.06 -30.51 -6.66
C GLU A 144 -20.48 -30.15 -5.23
N GLU A 145 -19.53 -30.20 -4.31
CA GLU A 145 -19.74 -29.80 -2.93
C GLU A 145 -19.12 -28.45 -2.67
N ALA A 146 -19.84 -27.59 -1.95
CA ALA A 146 -19.37 -26.26 -1.59
C ALA A 146 -19.42 -26.14 -0.07
N ILE A 147 -18.26 -26.21 0.57
CA ILE A 147 -18.14 -26.20 2.02
C ILE A 147 -17.54 -24.86 2.44
N SER A 148 -18.22 -24.18 3.34
CA SER A 148 -17.74 -22.90 3.87
C SER A 148 -16.81 -23.17 5.05
N LEU A 149 -15.54 -22.80 4.89
CA LEU A 149 -14.55 -22.94 5.95
C LEU A 149 -14.37 -21.66 6.76
N LYS A 150 -15.37 -20.79 6.76
CA LYS A 150 -15.22 -19.48 7.39
C LYS A 150 -15.20 -19.60 8.90
N ASP A 151 -16.24 -20.21 9.48
CA ASP A 151 -16.36 -20.36 10.92
C ASP A 151 -15.78 -21.68 11.43
N THR A 152 -15.08 -22.44 10.58
CA THR A 152 -14.51 -23.71 10.96
C THR A 152 -12.99 -23.63 11.10
N ILE A 153 -12.29 -23.24 10.04
CA ILE A 153 -10.83 -23.13 10.09
C ILE A 153 -10.45 -21.83 10.77
N LYS A 154 -9.59 -21.92 11.78
CA LYS A 154 -9.16 -20.77 12.55
C LYS A 154 -7.64 -20.73 12.60
N ILE A 155 -7.08 -19.53 12.55
CA ILE A 155 -5.64 -19.32 12.59
C ILE A 155 -5.33 -18.24 13.61
N ASP A 156 -4.10 -18.26 14.11
CA ASP A 156 -3.66 -17.29 15.11
C ASP A 156 -2.66 -16.32 14.48
N ILE A 157 -2.25 -15.34 15.29
CA ILE A 157 -1.36 -14.29 14.79
C ILE A 157 0.05 -14.84 14.56
N ASN A 158 0.49 -15.77 15.40
CA ASN A 158 1.84 -16.30 15.23
C ASN A 158 1.94 -17.18 13.99
N THR A 159 0.95 -18.06 13.79
CA THR A 159 0.96 -18.92 12.62
C THR A 159 0.77 -18.12 11.33
N LEU A 160 -0.09 -17.11 11.37
CA LEU A 160 -0.36 -16.30 10.18
C LEU A 160 0.88 -15.54 9.73
N LEU A 161 1.65 -15.01 10.69
CA LEU A 161 2.85 -14.27 10.31
C LEU A 161 4.01 -15.20 9.97
N SER A 162 4.06 -16.39 10.57
CA SER A 162 5.16 -17.31 10.29
C SER A 162 5.01 -17.93 8.90
N ILE A 163 3.79 -18.29 8.50
CA ILE A 163 3.59 -18.78 7.15
C ILE A 163 3.88 -17.68 6.13
N HIS A 164 3.81 -16.41 6.51
CA HIS A 164 4.21 -15.31 5.65
C HIS A 164 5.63 -14.85 5.91
N LEU A 165 6.44 -15.71 6.55
CA LEU A 165 7.89 -15.51 6.72
C LEU A 165 8.23 -14.33 7.62
N TYR A 166 7.40 -14.08 8.64
CA TYR A 166 7.69 -13.11 9.67
C TYR A 166 7.95 -13.83 10.99
N GLU A 167 8.77 -13.21 11.83
CA GLU A 167 9.22 -13.84 13.06
C GLU A 167 9.28 -12.79 14.17
N ASP A 168 9.51 -13.27 15.39
CA ASP A 168 9.59 -12.44 16.59
C ASP A 168 8.29 -11.65 16.78
N ILE A 169 7.20 -12.40 16.95
CA ILE A 169 5.86 -11.84 17.02
C ILE A 169 5.58 -11.43 18.47
N HIS A 170 5.54 -10.12 18.70
CA HIS A 170 5.27 -9.57 20.03
C HIS A 170 3.95 -8.83 20.03
N PHE A 171 3.19 -8.98 21.10
CA PHE A 171 1.90 -8.33 21.25
C PHE A 171 1.58 -8.16 22.73
N GLU A 172 0.66 -7.24 23.01
CA GLU A 172 0.22 -6.94 24.37
C GLU A 172 -1.24 -7.33 24.55
N PHE A 173 -1.61 -7.53 25.80
CA PHE A 173 -2.92 -8.04 26.22
C PHE A 173 -3.67 -6.97 26.99
N TYR A 174 -4.91 -7.30 27.37
CA TYR A 174 -5.66 -6.46 28.30
C TYR A 174 -4.96 -6.38 29.65
N ASP A 175 -4.27 -7.45 30.06
CA ASP A 175 -3.57 -7.50 31.33
C ASP A 175 -2.08 -7.15 31.21
N THR A 176 -1.60 -6.84 30.00
CA THR A 176 -0.18 -6.56 29.80
C THR A 176 0.04 -5.23 29.09
N TYR A 177 -0.94 -4.32 29.13
CA TYR A 177 -0.77 -3.02 28.50
C TYR A 177 0.32 -2.24 29.23
N SER A 178 1.17 -1.55 28.46
CA SER A 178 2.33 -0.88 29.03
C SER A 178 1.91 0.25 29.97
N TYR A 179 0.97 1.09 29.53
CA TYR A 179 0.53 2.22 30.33
C TYR A 179 -0.25 1.81 31.57
N LYS A 180 -0.65 0.53 31.69
CA LYS A 180 -1.20 0.07 32.95
C LYS A 180 -0.14 0.12 34.05
N GLN A 181 1.13 -0.03 33.70
CA GLN A 181 2.22 0.06 34.65
C GLN A 181 2.68 1.50 34.86
N LYS A 182 2.79 2.28 33.76
CA LYS A 182 3.16 3.68 33.87
C LYS A 182 2.20 4.44 34.78
N PHE A 183 0.90 4.16 34.64
CA PHE A 183 -0.10 4.74 35.52
C PHE A 183 -0.70 3.66 36.40
N VAL A 184 0.13 3.02 37.22
CA VAL A 184 -0.34 1.93 38.07
C VAL A 184 -1.30 2.47 39.12
N ASP A 185 -2.31 1.67 39.45
CA ASP A 185 -3.40 1.99 40.38
C ASP A 185 -4.15 3.25 39.99
N SER A 186 -4.00 3.71 38.74
CA SER A 186 -4.74 4.86 38.24
C SER A 186 -5.16 4.72 36.78
N PHE A 187 -4.74 3.66 36.09
CA PHE A 187 -5.02 3.55 34.65
C PHE A 187 -6.50 3.39 34.38
N ASP A 188 -7.17 2.52 35.13
CA ASP A 188 -8.60 2.32 34.93
C ASP A 188 -9.37 3.62 35.12
N LYS A 189 -9.01 4.40 36.13
CA LYS A 189 -9.68 5.69 36.36
C LYS A 189 -9.49 6.63 35.17
N ILE A 190 -8.25 6.73 34.68
CA ILE A 190 -7.97 7.59 33.53
C ILE A 190 -8.70 7.07 32.30
N SER A 191 -8.66 5.76 32.08
CA SER A 191 -9.33 5.20 30.91
C SER A 191 -10.84 5.34 30.98
N GLN A 192 -11.41 5.14 32.18
CA GLN A 192 -12.86 5.27 32.34
C GLN A 192 -13.33 6.69 32.02
N GLU A 193 -12.60 7.69 32.52
CA GLU A 193 -13.00 9.07 32.32
C GLU A 193 -12.94 9.44 30.84
N ILE A 194 -11.89 9.02 30.15
CA ILE A 194 -11.77 9.31 28.72
C ILE A 194 -12.87 8.58 27.93
N GLU A 195 -13.16 7.34 28.30
CA GLU A 195 -14.21 6.60 27.62
C GLU A 195 -15.55 7.30 27.73
N LYS A 196 -15.83 7.91 28.88
CA LYS A 196 -17.08 8.65 29.06
C LYS A 196 -17.19 9.79 28.06
N ALA A 197 -16.14 10.59 27.94
CA ALA A 197 -16.19 11.78 27.09
C ALA A 197 -16.29 11.39 25.61
N ILE A 198 -15.49 10.40 25.19
CA ILE A 198 -15.56 9.96 23.80
C ILE A 198 -16.91 9.35 23.48
N LYS A 199 -17.50 8.64 24.45
CA LYS A 199 -18.86 8.13 24.27
C LYS A 199 -19.90 9.23 24.32
N ASP A 200 -19.56 10.39 24.88
CA ASP A 200 -20.46 11.53 24.94
C ASP A 200 -20.29 12.47 23.75
N ASP A 201 -19.64 12.01 22.68
CA ASP A 201 -19.43 12.79 21.47
C ASP A 201 -18.63 14.07 21.75
N LYS A 202 -17.60 13.93 22.59
CA LYS A 202 -16.70 15.03 22.90
C LYS A 202 -15.31 14.83 22.31
N GLY A 203 -15.17 13.89 21.38
CA GLY A 203 -13.86 13.62 20.81
C GLY A 203 -13.31 14.78 19.99
N GLU A 204 -14.19 15.41 19.22
CA GLU A 204 -13.75 16.53 18.36
C GLU A 204 -13.23 17.65 19.26
N ASP A 205 -13.83 17.79 20.42
CA ASP A 205 -13.43 18.86 21.32
C ASP A 205 -12.13 18.51 21.99
N PHE A 206 -11.96 17.23 22.32
CA PHE A 206 -10.75 16.80 23.00
C PHE A 206 -9.56 16.93 22.07
N VAL A 207 -9.68 16.40 20.86
CA VAL A 207 -8.58 16.47 19.91
C VAL A 207 -8.23 17.92 19.57
N LYS A 208 -9.24 18.79 19.55
CA LYS A 208 -8.94 20.22 19.31
C LYS A 208 -8.08 20.72 20.46
N TRP A 209 -8.48 20.41 21.69
CA TRP A 209 -7.72 20.80 22.86
C TRP A 209 -6.32 20.20 22.84
N LEU A 210 -6.19 19.04 22.24
CA LEU A 210 -4.88 18.40 22.22
C LEU A 210 -3.93 19.16 21.30
N GLU A 211 -4.45 19.75 20.24
CA GLU A 211 -3.61 20.54 19.36
C GLU A 211 -3.24 21.85 20.02
N ASP A 212 -4.21 22.47 20.69
CA ASP A 212 -3.96 23.71 21.40
C ASP A 212 -4.77 23.69 22.67
N PRO A 213 -4.09 23.71 23.82
CA PRO A 213 -2.67 23.97 23.96
C PRO A 213 -1.83 22.73 24.28
N PHE A 214 -2.46 21.60 24.58
CA PHE A 214 -1.69 20.43 24.99
C PHE A 214 -0.39 20.31 24.19
N ARG A 215 -0.48 20.21 22.87
CA ARG A 215 0.76 19.99 22.12
C ARG A 215 1.57 21.28 21.93
N LYS A 216 0.94 22.45 22.05
CA LYS A 216 1.71 23.68 21.97
C LYS A 216 2.65 23.83 23.16
N ILE A 217 2.27 23.30 24.31
CA ILE A 217 3.03 23.46 25.54
C ILE A 217 3.90 22.24 25.83
N PHE A 218 3.36 21.04 25.65
CA PHE A 218 4.03 19.82 26.05
C PHE A 218 4.81 19.15 24.93
N LYS A 219 4.85 19.74 23.73
CA LYS A 219 5.58 19.17 22.61
C LYS A 219 6.45 20.23 21.97
N GLY A 220 7.65 19.85 21.55
CA GLY A 220 8.57 20.77 20.93
C GLY A 220 9.92 20.10 20.80
N GLU A 221 10.95 20.73 21.34
CA GLU A 221 12.29 20.16 21.31
C GLU A 221 12.30 18.74 21.86
N ASN A 222 13.16 17.90 21.29
CA ASN A 222 13.30 16.54 21.78
C ASN A 222 13.76 16.57 23.24
N LYS A 223 13.13 15.72 24.06
CA LYS A 223 13.33 15.69 25.51
C LYS A 223 12.95 17.02 26.14
N LEU A 224 11.88 17.64 25.64
CA LEU A 224 11.39 18.87 26.25
C LEU A 224 10.91 18.63 27.67
N LEU A 225 10.31 17.48 27.91
CA LEU A 225 9.74 17.13 29.21
C LEU A 225 10.67 16.27 30.05
N GLU A 226 11.86 15.96 29.55
CA GLU A 226 12.87 15.27 30.34
C GLU A 226 13.97 16.19 30.83
N LYS A 227 14.00 17.43 30.36
CA LYS A 227 14.94 18.44 30.81
C LYS A 227 14.16 19.68 31.22
N THR A 228 14.31 20.10 32.47
CA THR A 228 13.52 21.23 32.97
C THR A 228 13.90 22.53 32.28
N ALA A 229 15.18 22.69 31.92
CA ALA A 229 15.63 23.94 31.30
C ALA A 229 14.91 24.17 29.97
N LYS A 230 14.81 23.12 29.14
CA LYS A 230 14.09 23.25 27.89
C LYS A 230 12.63 23.61 28.13
N PHE A 231 12.02 23.00 29.13
CA PHE A 231 10.63 23.27 29.39
C PHE A 231 10.45 24.68 29.90
N LYS A 232 11.26 25.08 30.86
CA LYS A 232 11.09 26.41 31.46
C LYS A 232 11.32 27.51 30.44
N LYS A 233 12.34 27.37 29.59
CA LYS A 233 12.54 28.31 28.51
C LYS A 233 11.35 28.30 27.55
N HIS A 234 10.85 27.10 27.23
CA HIS A 234 9.70 26.98 26.35
C HIS A 234 8.47 27.62 26.97
N ILE A 235 8.25 27.40 28.27
CA ILE A 235 7.08 27.95 28.94
C ILE A 235 7.12 29.48 28.94
N GLU A 236 8.29 30.06 29.20
CA GLU A 236 8.42 31.52 29.22
C GLU A 236 8.22 32.11 27.84
N LYS A 237 8.69 31.42 26.79
CA LYS A 237 8.46 31.90 25.43
C LYS A 237 6.97 31.95 25.11
N LEU A 238 6.22 30.94 25.56
CA LEU A 238 4.78 30.95 25.31
C LEU A 238 4.11 32.08 26.07
N LEU A 239 4.59 32.39 27.28
CA LEU A 239 4.05 33.53 28.02
C LEU A 239 4.30 34.83 27.28
N LYS A 240 5.40 34.93 26.55
CA LYS A 240 5.71 36.15 25.80
C LYS A 240 4.69 36.39 24.69
N ASP A 241 4.10 35.32 24.16
CA ASP A 241 3.10 35.46 23.10
C ASP A 241 1.82 36.16 23.57
N ASN A 242 1.64 36.33 24.87
CA ASN A 242 0.54 37.08 25.47
C ASN A 242 -0.78 36.62 24.86
N ASP A 243 -1.50 37.53 24.20
CA ASP A 243 -2.86 37.20 23.66
C ASP A 243 -2.92 35.77 23.11
N SER A 244 -1.92 35.35 22.33
CA SER A 244 -1.95 34.04 21.67
C SER A 244 -1.35 32.97 22.57
N SER A 245 -1.14 33.26 23.85
CA SER A 245 -0.43 32.31 24.71
C SER A 245 -1.26 31.06 24.94
N PRO A 246 -0.70 29.86 24.77
CA PRO A 246 -1.47 28.65 25.08
C PRO A 246 -1.60 28.42 26.57
N ILE A 247 -0.67 28.92 27.37
CA ILE A 247 -0.76 28.77 28.83
C ILE A 247 -2.01 29.46 29.36
N VAL A 248 -2.36 30.61 28.76
CA VAL A 248 -3.59 31.28 29.15
C VAL A 248 -4.80 30.42 28.81
N LYS A 249 -4.79 29.81 27.62
CA LYS A 249 -5.92 28.99 27.21
C LYS A 249 -6.01 27.72 28.06
N PHE A 250 -4.87 27.15 28.44
CA PHE A 250 -4.88 25.97 29.29
C PHE A 250 -5.52 26.27 30.64
N ASN A 251 -5.13 27.37 31.28
CA ASN A 251 -5.64 27.66 32.61
C ASN A 251 -7.09 28.11 32.59
N GLU A 252 -7.50 28.82 31.54
CA GLU A 252 -8.81 29.47 31.50
C GLU A 252 -9.80 28.74 30.60
N LYS A 253 -9.44 28.51 29.34
CA LYS A 253 -10.40 28.00 28.36
C LYS A 253 -10.39 26.50 28.23
N THR A 254 -9.73 25.78 29.13
CA THR A 254 -9.76 24.33 29.09
C THR A 254 -11.13 23.83 29.55
N PRO A 255 -11.83 23.03 28.76
CA PRO A 255 -13.17 22.57 29.18
C PRO A 255 -13.10 21.65 30.39
N GLN A 256 -14.27 21.37 30.95
CA GLN A 256 -14.33 20.67 32.22
C GLN A 256 -14.04 19.17 32.05
N PHE A 257 -14.51 18.57 30.96
CA PHE A 257 -14.25 17.15 30.74
C PHE A 257 -12.76 16.89 30.56
N ILE A 258 -12.02 17.90 30.08
CA ILE A 258 -10.57 17.79 30.04
C ILE A 258 -10.01 17.81 31.47
N TRP A 259 -10.39 18.81 32.26
CA TRP A 259 -9.96 18.88 33.66
C TRP A 259 -10.27 17.58 34.40
N ASP A 260 -11.44 16.99 34.13
CA ASP A 260 -11.77 15.72 34.77
C ASP A 260 -10.85 14.60 34.33
N ILE A 261 -10.48 14.58 33.04
CA ILE A 261 -9.51 13.62 32.57
C ILE A 261 -8.14 13.88 33.19
N LEU A 262 -7.73 15.15 33.22
CA LEU A 262 -6.44 15.50 33.80
C LEU A 262 -6.40 15.19 35.29
N ASN A 263 -7.46 15.55 36.01
CA ASN A 263 -7.55 15.27 37.44
C ASN A 263 -7.75 13.78 37.72
N ALA A 264 -7.98 12.97 36.70
CA ALA A 264 -8.03 11.53 36.90
C ALA A 264 -6.64 10.93 37.01
N PHE A 265 -5.63 11.56 36.40
CA PHE A 265 -4.26 11.09 36.52
C PHE A 265 -3.81 11.13 37.98
N PRO A 266 -2.86 10.28 38.36
CA PRO A 266 -2.36 10.34 39.74
C PRO A 266 -1.74 11.69 40.04
N GLU A 267 -1.86 12.13 41.29
CA GLU A 267 -1.40 13.46 41.67
C GLU A 267 0.08 13.65 41.35
N GLY A 268 0.89 12.60 41.47
CA GLY A 268 2.28 12.69 41.09
C GLY A 268 2.52 12.79 39.60
N LYS A 269 1.50 12.54 38.78
CA LYS A 269 1.61 12.56 37.33
C LYS A 269 0.49 13.39 36.71
N LYS A 270 0.13 14.49 37.36
CA LYS A 270 -0.85 15.42 36.82
C LYS A 270 -0.15 16.55 36.09
N LEU A 271 -0.69 16.94 34.93
CA LEU A 271 -0.15 18.05 34.18
C LEU A 271 -0.68 19.40 34.66
N ASN A 272 -1.54 19.40 35.68
CA ASN A 272 -2.19 20.61 36.16
C ASN A 272 -1.88 20.81 37.64
N ASP A 273 -1.86 22.08 38.05
CA ASP A 273 -1.75 22.44 39.46
C ASP A 273 -3.14 22.87 39.91
N GLY A 274 -3.98 21.88 40.18
CA GLY A 274 -5.36 22.15 40.52
C GLY A 274 -6.18 22.53 39.32
N GLN A 275 -6.20 23.81 38.98
CA GLN A 275 -6.91 24.32 37.81
C GLN A 275 -6.03 25.29 37.04
N LYS A 276 -4.74 24.98 36.96
CA LYS A 276 -3.81 25.78 36.16
C LYS A 276 -2.63 24.89 35.78
N LEU A 277 -1.83 25.39 34.84
CA LEU A 277 -0.71 24.62 34.32
C LEU A 277 0.41 24.56 35.36
N TRP A 278 0.82 23.35 35.72
CA TRP A 278 1.91 23.18 36.67
C TRP A 278 3.22 23.58 36.02
N ILE A 279 3.74 24.74 36.40
CA ILE A 279 5.02 25.18 35.88
C ILE A 279 6.08 24.88 36.92
N PRO A 280 7.01 23.98 36.61
CA PRO A 280 8.04 23.58 37.58
C PRO A 280 8.96 24.73 37.98
N ASP A 281 9.39 24.75 39.25
CA ASP A 281 10.32 25.78 39.71
C ASP A 281 11.76 25.31 39.53
N ASP A 282 12.71 26.15 39.92
CA ASP A 282 14.12 25.77 39.80
C ASP A 282 14.51 24.67 40.77
N LYS A 283 13.65 24.33 41.73
CA LYS A 283 13.89 23.18 42.60
C LYS A 283 13.48 21.87 41.96
N ILE A 284 12.73 21.90 40.86
CA ILE A 284 12.33 20.69 40.15
C ILE A 284 13.43 20.28 39.20
N THR A 285 13.86 19.03 39.30
CA THR A 285 14.98 18.56 38.49
C THR A 285 14.48 17.89 37.21
N ASN A 286 15.43 17.59 36.32
CA ASN A 286 15.10 16.90 35.08
C ASN A 286 14.47 15.54 35.34
N ASP A 287 14.86 14.88 36.44
CA ASP A 287 14.26 13.59 36.75
C ASP A 287 12.85 13.74 37.29
N ASN A 288 12.59 14.83 38.03
CA ASN A 288 11.25 15.06 38.54
C ASN A 288 10.28 15.32 37.41
N LEU A 289 10.73 15.99 36.34
CA LEU A 289 9.84 16.34 35.25
C LEU A 289 9.38 15.10 34.50
N SER A 290 10.32 14.24 34.13
CA SER A 290 9.97 13.00 33.42
C SER A 290 9.12 12.08 34.28
N SER A 291 9.25 12.18 35.61
CA SER A 291 8.45 11.35 36.50
C SER A 291 7.00 11.80 36.57
N ARG A 292 6.70 13.02 36.14
CA ARG A 292 5.36 13.59 36.24
C ARG A 292 4.72 13.88 34.90
N VAL A 293 5.50 14.34 33.92
CA VAL A 293 4.97 14.88 32.68
C VAL A 293 5.13 13.91 31.52
N LYS A 294 6.26 13.19 31.45
CA LYS A 294 6.57 12.40 30.28
C LYS A 294 5.50 11.35 29.99
N ASP A 295 5.23 10.48 30.97
CA ASP A 295 4.32 9.37 30.72
C ASP A 295 2.91 9.87 30.48
N THR A 296 2.46 10.88 31.22
CA THR A 296 1.11 11.38 31.05
C THR A 296 0.92 12.03 29.68
N VAL A 297 1.94 12.77 29.24
CA VAL A 297 1.85 13.45 27.94
C VAL A 297 1.81 12.42 26.81
N GLU A 298 2.64 11.37 26.91
CA GLU A 298 2.67 10.37 25.86
C GLU A 298 1.32 9.67 25.70
N PHE A 299 0.63 9.41 26.80
CA PHE A 299 -0.65 8.73 26.71
C PHE A 299 -1.72 9.61 26.08
N LEU A 300 -1.74 10.90 26.43
CA LEU A 300 -2.72 11.83 25.91
C LEU A 300 -2.42 12.28 24.49
N ASN A 301 -1.26 11.93 23.94
CA ASN A 301 -0.87 12.33 22.59
C ASN A 301 -1.35 11.35 21.53
N GLY A 302 -2.09 10.32 21.90
CA GLY A 302 -2.61 9.38 20.93
C GLY A 302 -2.72 7.96 21.44
N LYS A 303 -1.98 7.64 22.51
CA LYS A 303 -2.00 6.26 23.01
C LYS A 303 -3.32 5.91 23.67
N TRP A 304 -4.06 6.92 24.16
CA TRP A 304 -5.38 6.67 24.73
C TRP A 304 -6.33 6.13 23.66
N PHE A 305 -6.24 6.67 22.44
CA PHE A 305 -7.13 6.24 21.37
C PHE A 305 -6.95 4.77 21.02
N GLU A 306 -5.74 4.24 21.24
CA GLU A 306 -5.50 2.83 20.97
C GLU A 306 -6.17 1.94 22.01
N TRP A 307 -5.94 2.23 23.30
CA TRP A 307 -6.59 1.46 24.35
C TRP A 307 -8.10 1.63 24.31
N TYR A 308 -8.58 2.80 23.89
CA TYR A 308 -10.02 2.98 23.75
C TYR A 308 -10.61 1.96 22.78
N VAL A 309 -10.15 1.99 21.53
CA VAL A 309 -10.70 1.09 20.51
C VAL A 309 -10.54 -0.36 20.92
N TYR A 310 -9.37 -0.72 21.48
CA TYR A 310 -9.14 -2.09 21.91
C TYR A 310 -10.11 -2.49 23.02
N SER A 311 -10.41 -1.58 23.94
CA SER A 311 -11.37 -1.86 25.00
C SER A 311 -12.79 -1.86 24.46
N GLN A 312 -13.09 -1.00 23.49
CA GLN A 312 -14.44 -0.96 22.94
C GLN A 312 -14.77 -2.26 22.19
N ILE A 313 -13.78 -2.84 21.52
CA ILE A 313 -14.03 -4.06 20.75
C ILE A 313 -13.89 -5.31 21.59
N LYS A 314 -13.22 -5.25 22.74
CA LYS A 314 -13.02 -6.43 23.57
C LYS A 314 -14.34 -7.05 24.02
N SER A 315 -15.40 -6.24 24.11
CA SER A 315 -16.69 -6.73 24.58
C SER A 315 -17.27 -7.74 23.60
N GLU A 316 -17.41 -7.34 22.33
CA GLU A 316 -18.02 -8.22 21.33
C GLU A 316 -17.16 -9.45 21.09
N LEU A 317 -15.83 -9.31 21.17
CA LEU A 317 -14.94 -10.42 20.85
C LEU A 317 -15.08 -11.54 21.89
N LEU A 318 -15.09 -11.20 23.17
CA LEU A 318 -15.19 -12.21 24.21
C LEU A 318 -16.53 -12.94 24.16
N ASP A 319 -17.58 -12.27 23.66
CA ASP A 319 -18.86 -12.91 23.43
C ASP A 319 -18.89 -13.74 22.15
N ARG A 320 -17.90 -13.55 21.28
CA ARG A 320 -17.74 -14.39 20.09
C ARG A 320 -16.73 -15.50 20.31
N LYS A 321 -16.29 -15.70 21.55
CA LYS A 321 -15.39 -16.80 21.93
C LYS A 321 -14.05 -16.74 21.20
N LEU A 322 -13.63 -15.53 20.82
CA LEU A 322 -12.28 -15.35 20.29
C LEU A 322 -11.29 -15.21 21.44
N LYS A 323 -10.10 -15.78 21.24
CA LYS A 323 -9.08 -15.80 22.28
C LYS A 323 -8.13 -14.61 22.13
N GLU A 324 -7.76 -14.03 23.26
CA GLU A 324 -6.81 -12.92 23.26
C GLU A 324 -5.39 -13.45 23.10
N GLY A 325 -4.55 -12.65 22.44
CA GLY A 325 -3.22 -13.07 22.08
C GLY A 325 -3.15 -14.03 20.92
N GLU A 326 -4.27 -14.64 20.53
CA GLU A 326 -4.36 -15.48 19.34
C GLU A 326 -5.11 -14.79 18.21
N HIS A 327 -6.29 -14.24 18.48
CA HIS A 327 -7.11 -13.66 17.43
C HIS A 327 -7.29 -12.15 17.56
N PHE A 328 -6.98 -11.58 18.73
CA PHE A 328 -6.99 -10.13 18.89
C PHE A 328 -5.94 -9.73 19.90
N GLY A 329 -5.38 -8.54 19.69
CA GLY A 329 -4.35 -8.01 20.56
C GLY A 329 -3.99 -6.61 20.13
N ILE A 330 -3.01 -6.03 20.83
CA ILE A 330 -2.62 -4.65 20.63
C ILE A 330 -1.10 -4.57 20.61
N SER A 331 -0.59 -3.58 19.89
CA SER A 331 0.85 -3.41 19.80
C SER A 331 1.48 -4.62 19.17
N LEU A 332 1.21 -4.84 17.90
CA LEU A 332 1.76 -5.99 17.22
C LEU A 332 3.06 -5.59 16.59
N LYS A 333 4.07 -6.40 16.81
CA LYS A 333 5.37 -6.12 16.25
C LYS A 333 5.98 -7.40 15.78
N ALA A 334 6.70 -7.31 14.68
CA ALA A 334 7.35 -8.47 14.08
C ALA A 334 8.29 -7.98 12.98
N GLN A 335 9.10 -8.91 12.47
CA GLN A 335 10.12 -8.58 11.48
C GLN A 335 10.35 -9.77 10.57
N LYS A 336 10.90 -9.48 9.40
CA LYS A 336 11.52 -10.50 8.57
C LYS A 336 12.99 -10.63 8.94
N LYS A 337 13.57 -11.79 8.63
CA LYS A 337 14.94 -12.08 9.00
C LYS A 337 15.89 -11.02 8.43
N ASP A 338 16.62 -10.36 9.33
CA ASP A 338 17.57 -9.31 8.98
C ASP A 338 16.89 -8.12 8.30
N SER A 339 15.65 -7.84 8.66
CA SER A 339 14.84 -6.79 8.08
C SER A 339 14.19 -5.96 9.18
N PRO A 340 13.85 -4.70 8.90
CA PRO A 340 13.24 -3.86 9.93
C PRO A 340 11.91 -4.39 10.42
N TYR A 341 11.53 -3.93 11.61
CA TYR A 341 10.29 -4.35 12.26
C TYR A 341 9.12 -3.53 11.73
N PHE A 342 7.91 -3.94 12.13
CA PHE A 342 6.70 -3.21 11.85
C PHE A 342 5.85 -3.16 13.10
N GLU A 343 4.92 -2.21 13.15
CA GLU A 343 4.06 -2.03 14.30
C GLU A 343 2.64 -1.78 13.81
N LEU A 344 1.72 -2.66 14.19
CA LEU A 344 0.30 -2.52 13.91
C LEU A 344 -0.43 -2.29 15.21
N ASP A 345 -1.25 -1.23 15.26
CA ASP A 345 -1.89 -0.82 16.50
C ASP A 345 -2.78 -1.92 17.06
N ILE A 346 -3.73 -2.39 16.27
CA ILE A 346 -4.67 -3.42 16.68
C ILE A 346 -4.79 -4.46 15.58
N PHE A 347 -4.61 -5.73 15.93
CA PHE A 347 -4.85 -6.84 15.01
C PHE A 347 -6.06 -7.64 15.46
N LEU A 348 -6.78 -8.18 14.49
CA LEU A 348 -7.98 -8.97 14.74
C LEU A 348 -8.11 -9.99 13.62
N ILE A 349 -8.39 -11.24 13.99
CA ILE A 349 -8.45 -12.35 13.04
C ILE A 349 -9.82 -12.98 13.15
N ASN A 350 -10.70 -12.68 12.19
CA ASN A 350 -11.99 -13.34 12.07
C ASN A 350 -11.82 -14.56 11.17
N GLY A 351 -11.85 -15.75 11.78
CA GLY A 351 -11.54 -16.97 11.07
C GLY A 351 -10.08 -17.00 10.64
N TYR A 352 -9.84 -16.84 9.35
CA TYR A 352 -8.48 -16.68 8.83
C TYR A 352 -8.29 -15.35 8.11
N GLN A 353 -9.28 -14.45 8.17
CA GLN A 353 -9.16 -13.13 7.58
C GLN A 353 -8.57 -12.20 8.64
N LEU A 354 -7.36 -11.69 8.38
CA LEU A 354 -6.74 -10.73 9.28
C LEU A 354 -7.31 -9.35 9.03
N ILE A 355 -7.79 -8.72 10.09
CA ILE A 355 -8.25 -7.33 10.05
C ILE A 355 -7.23 -6.50 10.80
N GLY A 356 -6.44 -5.71 10.07
CA GLY A 356 -5.46 -4.83 10.65
C GLY A 356 -6.05 -3.42 10.79
N ILE A 357 -5.92 -2.86 11.99
CA ILE A 357 -6.52 -1.58 12.32
C ILE A 357 -5.41 -0.63 12.74
N SER A 358 -5.29 0.49 12.03
CA SER A 358 -4.34 1.54 12.36
C SER A 358 -5.12 2.76 12.85
N LEU A 359 -4.70 3.31 13.99
CA LEU A 359 -5.45 4.35 14.68
C LEU A 359 -4.66 5.65 14.68
N THR A 360 -5.36 6.75 14.40
CA THR A 360 -4.79 8.10 14.44
C THR A 360 -5.87 9.07 14.86
N THR A 361 -5.52 9.99 15.75
CA THR A 361 -6.41 11.05 16.19
C THR A 361 -6.37 12.27 15.28
N SER A 362 -5.81 12.14 14.08
CA SER A 362 -5.60 13.27 13.20
C SER A 362 -6.81 13.50 12.30
N SER A 363 -7.04 14.78 11.96
CA SER A 363 -8.01 15.16 10.94
C SER A 363 -7.33 15.67 9.67
N THR A 364 -6.02 15.50 9.56
CA THR A 364 -5.28 16.00 8.41
C THR A 364 -5.35 14.97 7.28
N ARG A 365 -5.60 15.46 6.06
CA ARG A 365 -5.81 14.55 4.93
C ARG A 365 -4.55 13.75 4.62
N GLU A 366 -3.42 14.43 4.46
CA GLU A 366 -2.20 13.77 4.03
C GLU A 366 -1.75 12.73 5.06
N LEU A 367 -1.77 13.08 6.35
CA LEU A 367 -1.32 12.16 7.38
C LEU A 367 -2.21 10.92 7.44
N CYS A 368 -3.53 11.10 7.36
CA CYS A 368 -4.42 9.94 7.40
C CYS A 368 -4.27 9.08 6.14
N LYS A 369 -4.07 9.72 5.00
CA LYS A 369 -3.97 8.97 3.76
C LYS A 369 -2.77 8.06 3.76
N LEU A 370 -1.64 8.56 4.25
CA LEU A 370 -0.43 7.77 4.28
C LEU A 370 -0.54 6.66 5.29
N LYS A 371 -1.23 6.93 6.39
CA LYS A 371 -1.41 5.91 7.42
C LYS A 371 -2.34 4.84 6.91
N GLY A 372 -3.19 5.18 5.95
CA GLY A 372 -4.06 4.18 5.35
C GLY A 372 -3.18 3.42 4.40
N PHE A 373 -2.44 4.15 3.57
CA PHE A 373 -1.49 3.48 2.68
C PHE A 373 -0.72 2.40 3.42
N GLU A 374 -0.27 2.71 4.64
CA GLU A 374 0.58 1.78 5.39
C GLU A 374 -0.19 0.54 5.81
N VAL A 375 -1.40 0.72 6.34
CA VAL A 375 -2.15 -0.42 6.87
C VAL A 375 -2.56 -1.36 5.75
N ILE A 376 -2.73 -0.84 4.52
CA ILE A 376 -3.04 -1.70 3.39
C ILE A 376 -1.87 -2.63 3.08
N HIS A 377 -0.65 -2.07 3.07
CA HIS A 377 0.51 -2.85 2.68
C HIS A 377 0.89 -3.85 3.77
N ARG A 378 0.80 -3.45 5.04
CA ARG A 378 1.20 -4.34 6.13
C ARG A 378 0.33 -5.59 6.17
N VAL A 379 -1.00 -5.43 6.17
CA VAL A 379 -1.88 -6.58 6.17
C VAL A 379 -1.71 -7.42 4.91
N ARG A 380 -1.20 -6.81 3.84
CA ARG A 380 -0.88 -7.58 2.64
C ARG A 380 0.34 -8.45 2.87
N GLN A 381 1.38 -7.88 3.50
CA GLN A 381 2.58 -8.65 3.83
C GLN A 381 2.37 -9.61 4.98
N ILE A 382 1.35 -9.38 5.80
CA ILE A 382 1.19 -10.08 7.07
C ILE A 382 0.08 -11.14 7.00
N GLY A 383 -1.04 -10.80 6.37
CA GLY A 383 -2.14 -11.73 6.32
C GLY A 383 -2.38 -12.25 4.93
N GLY A 384 -1.90 -11.52 3.93
CA GLY A 384 -2.07 -11.96 2.57
C GLY A 384 -2.74 -10.93 1.69
N ASP A 385 -3.14 -11.35 0.51
CA ASP A 385 -3.74 -10.43 -0.44
C ASP A 385 -5.24 -10.37 -0.28
N GLU A 386 -5.78 -11.05 0.73
CA GLU A 386 -7.21 -11.01 0.97
C GLU A 386 -7.48 -10.55 2.38
N SER A 387 -6.58 -9.74 2.93
CA SER A 387 -6.77 -9.25 4.28
C SER A 387 -7.42 -7.88 4.29
N LYS A 388 -8.10 -7.54 5.39
CA LYS A 388 -8.79 -6.27 5.50
C LYS A 388 -7.95 -5.27 6.30
N ALA A 389 -8.13 -4.00 5.96
CA ALA A 389 -7.42 -2.90 6.63
C ALA A 389 -8.42 -1.81 6.97
N ILE A 390 -8.59 -1.54 8.25
CA ILE A 390 -9.50 -0.49 8.68
C ILE A 390 -8.75 0.65 9.33
N LEU A 391 -8.95 1.86 8.83
CA LEU A 391 -8.26 3.03 9.37
C LEU A 391 -9.23 3.90 10.14
N ILE A 392 -8.99 4.05 11.45
CA ILE A 392 -9.84 4.90 12.25
C ILE A 392 -9.18 6.25 12.41
N THR A 393 -9.86 7.30 11.96
CA THR A 393 -9.26 8.63 12.01
C THR A 393 -10.14 9.63 12.70
N GLY A 394 -9.59 10.82 12.95
CA GLY A 394 -10.37 11.88 13.57
C GLY A 394 -10.98 12.75 12.49
N MET A 395 -10.87 12.30 11.25
CA MET A 395 -11.42 13.07 10.13
C MET A 395 -12.93 13.05 10.14
N ASP A 396 -13.54 13.96 9.38
CA ASP A 396 -14.99 13.99 9.29
C ASP A 396 -15.48 12.91 8.35
N LYS A 397 -16.79 12.73 8.29
CA LYS A 397 -17.36 11.70 7.43
C LYS A 397 -16.95 11.88 5.98
N SER A 398 -17.03 13.11 5.49
CA SER A 398 -16.73 13.37 4.10
C SER A 398 -15.30 12.98 3.75
N LYS A 399 -14.34 13.47 4.53
CA LYS A 399 -12.96 13.17 4.24
C LYS A 399 -12.71 11.68 4.38
N THR A 400 -13.32 11.07 5.38
CA THR A 400 -13.17 9.64 5.57
C THR A 400 -13.63 8.90 4.33
N GLU A 401 -14.78 9.28 3.80
CA GLU A 401 -15.31 8.61 2.62
C GLU A 401 -14.40 8.80 1.43
N ASP A 402 -13.90 10.02 1.26
CA ASP A 402 -13.02 10.29 0.13
C ASP A 402 -11.79 9.41 0.21
N LEU A 403 -11.26 9.22 1.41
CA LEU A 403 -10.06 8.41 1.58
C LEU A 403 -10.32 6.99 1.15
N GLN A 404 -11.45 6.44 1.56
CA GLN A 404 -11.78 5.07 1.19
C GLN A 404 -11.80 4.95 -0.33
N LYS A 405 -12.42 5.91 -1.00
CA LYS A 405 -12.49 5.88 -2.45
C LYS A 405 -11.13 6.07 -3.09
N ASP A 406 -10.33 6.98 -2.54
CA ASP A 406 -9.03 7.26 -3.12
C ASP A 406 -8.10 6.06 -3.04
N LEU A 407 -8.13 5.34 -1.93
CA LEU A 407 -7.21 4.23 -1.74
C LEU A 407 -7.86 2.88 -2.03
N ALA A 408 -8.91 2.88 -2.85
CA ALA A 408 -9.62 1.65 -3.14
C ALA A 408 -8.98 0.85 -4.26
N TYR A 409 -8.82 -0.45 -4.07
CA TYR A 409 -8.24 -1.29 -5.10
C TYR A 409 -9.18 -2.43 -5.44
N GLU A 410 -9.43 -2.64 -6.72
CA GLU A 410 -10.35 -3.68 -7.14
C GLU A 410 -9.73 -5.06 -6.97
N THR A 411 -10.34 -5.87 -6.13
CA THR A 411 -9.82 -7.21 -5.89
C THR A 411 -10.86 -8.24 -6.30
N GLY A 412 -11.99 -7.79 -6.82
CA GLY A 412 -13.03 -8.70 -7.27
C GLY A 412 -14.07 -9.00 -6.22
N SER A 413 -13.94 -8.39 -5.04
CA SER A 413 -14.90 -8.62 -3.98
C SER A 413 -15.74 -7.38 -3.73
N THR A 414 -17.05 -7.55 -3.68
CA THR A 414 -17.93 -6.41 -3.42
C THR A 414 -17.59 -5.83 -2.07
N GLN A 415 -17.29 -6.68 -1.11
CA GLN A 415 -16.91 -6.21 0.22
C GLN A 415 -15.64 -5.40 0.16
N LYS A 416 -15.61 -4.28 0.87
CA LYS A 416 -14.44 -3.42 0.88
C LYS A 416 -13.41 -3.91 1.88
N ARG A 417 -12.14 -3.85 1.52
CA ARG A 417 -11.08 -4.27 2.42
C ARG A 417 -10.43 -3.06 3.06
N PHE A 418 -10.73 -1.88 2.54
CA PHE A 418 -10.20 -0.66 3.15
C PHE A 418 -11.35 0.15 3.70
N VAL A 419 -11.50 0.14 5.01
CA VAL A 419 -12.57 0.89 5.65
C VAL A 419 -12.01 1.97 6.54
N VAL A 420 -12.46 3.20 6.36
CA VAL A 420 -12.00 4.29 7.21
C VAL A 420 -13.12 4.72 8.14
N PHE A 421 -12.80 4.95 9.40
CA PHE A 421 -13.79 5.40 10.36
C PHE A 421 -13.48 6.81 10.83
N GLY A 422 -14.50 7.67 10.86
CA GLY A 422 -14.28 9.06 11.26
C GLY A 422 -14.39 9.29 12.75
N ILE A 423 -14.17 10.53 13.16
CA ILE A 423 -14.20 10.85 14.59
C ILE A 423 -15.58 10.61 15.17
N ASP A 424 -16.60 10.79 14.36
CA ASP A 424 -17.97 10.56 14.83
C ASP A 424 -18.18 9.09 15.16
N ASP A 425 -17.43 8.21 14.49
CA ASP A 425 -17.62 6.76 14.70
C ASP A 425 -16.90 6.33 15.99
N TRP A 426 -16.13 7.23 16.60
CA TRP A 426 -15.35 6.85 17.77
C TRP A 426 -16.21 6.33 18.93
N ALA A 427 -17.32 7.00 19.21
CA ALA A 427 -18.16 6.60 20.33
C ALA A 427 -18.64 5.17 20.16
N ASP A 428 -19.06 4.81 18.96
CA ASP A 428 -19.58 3.48 18.70
C ASP A 428 -18.64 2.68 17.82
N ILE A 429 -17.35 2.97 17.90
CA ILE A 429 -16.39 2.29 17.02
C ILE A 429 -16.42 0.79 17.25
N GLY A 430 -16.59 0.37 18.49
CA GLY A 430 -16.61 -1.05 18.79
C GLY A 430 -17.70 -1.72 17.99
N SER A 431 -18.89 -1.14 18.04
CA SER A 431 -20.04 -1.72 17.27
C SER A 431 -19.76 -1.59 15.77
N LYS A 432 -19.30 -0.41 15.33
CA LYS A 432 -19.09 -0.19 13.87
C LYS A 432 -18.08 -1.21 13.34
N ILE A 433 -17.02 -1.49 14.09
CA ILE A 433 -16.03 -2.53 13.66
C ILE A 433 -16.72 -3.89 13.66
N CYS A 434 -17.31 -4.27 14.80
CA CYS A 434 -17.96 -5.58 14.90
C CYS A 434 -18.83 -5.80 13.68
N GLU A 435 -19.61 -4.79 13.31
CA GLU A 435 -20.48 -4.91 12.14
C GLU A 435 -19.66 -5.13 10.89
N GLU A 436 -18.60 -4.35 10.72
CA GLU A 436 -17.79 -4.45 9.51
C GLU A 436 -17.06 -5.77 9.42
N VAL A 437 -16.35 -6.14 10.48
CA VAL A 437 -15.55 -7.35 10.46
C VAL A 437 -16.37 -8.64 10.38
N PHE A 438 -17.46 -8.72 11.12
CA PHE A 438 -18.19 -9.98 11.15
C PHE A 438 -19.21 -10.13 10.02
N LYS A 439 -19.53 -9.03 9.35
CA LYS A 439 -20.44 -9.13 8.21
C LYS A 439 -19.69 -9.30 6.90
N MET B 3 -15.73 -17.11 -43.19
CA MET B 3 -15.78 -18.55 -43.38
C MET B 3 -14.94 -19.28 -42.34
N ASN B 4 -13.64 -19.00 -42.31
CA ASN B 4 -12.71 -19.56 -41.32
C ASN B 4 -12.60 -18.55 -40.19
N GLU B 5 -13.44 -18.70 -39.18
CA GLU B 5 -13.55 -17.73 -38.09
C GLU B 5 -12.63 -18.16 -36.96
N LYS B 6 -11.43 -17.59 -36.92
CA LYS B 6 -10.50 -17.83 -35.83
C LYS B 6 -10.84 -16.92 -34.65
N VAL B 7 -10.98 -17.50 -33.46
CA VAL B 7 -11.44 -16.77 -32.29
C VAL B 7 -10.36 -16.78 -31.21
N LEU B 8 -10.25 -15.67 -30.49
CA LEU B 8 -9.38 -15.54 -29.33
C LEU B 8 -10.25 -15.30 -28.09
N VAL B 9 -10.06 -16.12 -27.07
CA VAL B 9 -10.84 -16.05 -25.84
C VAL B 9 -9.95 -15.49 -24.74
N LEU B 10 -10.36 -14.35 -24.19
CA LEU B 10 -9.64 -13.69 -23.10
C LEU B 10 -10.46 -13.81 -21.83
N ILE B 11 -9.83 -14.29 -20.76
CA ILE B 11 -10.46 -14.35 -19.44
C ILE B 11 -10.17 -13.03 -18.73
N VAL B 12 -11.22 -12.27 -18.45
CA VAL B 12 -11.08 -10.91 -17.93
C VAL B 12 -11.06 -10.96 -16.41
N GLY B 13 -10.01 -10.40 -15.81
CA GLY B 13 -9.91 -10.31 -14.37
C GLY B 13 -9.74 -8.88 -13.91
N THR B 14 -9.32 -8.70 -12.65
CA THR B 14 -9.16 -7.35 -12.12
C THR B 14 -7.98 -6.62 -12.75
N ASN B 15 -6.92 -7.36 -13.11
CA ASN B 15 -5.78 -6.77 -13.79
C ASN B 15 -6.03 -6.79 -15.29
N PRO B 16 -6.29 -5.66 -15.93
CA PRO B 16 -6.61 -5.68 -17.37
C PRO B 16 -5.41 -5.52 -18.29
N LEU B 17 -4.25 -5.14 -17.76
CA LEU B 17 -3.07 -4.95 -18.61
C LEU B 17 -2.67 -6.21 -19.38
N PRO B 18 -2.63 -7.41 -18.78
CA PRO B 18 -2.20 -8.59 -19.57
C PRO B 18 -3.08 -8.86 -20.77
N ASN B 19 -4.39 -8.70 -20.65
CA ASN B 19 -5.28 -8.96 -21.78
C ASN B 19 -5.07 -7.94 -22.89
N TYR B 20 -4.78 -6.69 -22.54
CA TYR B 20 -4.48 -5.69 -23.55
C TYR B 20 -3.20 -6.02 -24.29
N VAL B 21 -2.17 -6.45 -23.56
CA VAL B 21 -0.89 -6.77 -24.19
C VAL B 21 -1.06 -7.91 -25.19
N VAL B 22 -1.70 -9.00 -24.75
CA VAL B 22 -1.92 -10.13 -25.65
C VAL B 22 -2.84 -9.73 -26.79
N GLY B 23 -3.89 -8.95 -26.49
CA GLY B 23 -4.82 -8.54 -27.54
C GLY B 23 -4.16 -7.72 -28.63
N SER B 24 -3.29 -6.78 -28.23
CA SER B 24 -2.60 -5.96 -29.21
C SER B 24 -1.71 -6.80 -30.12
N HIS B 25 -1.22 -7.93 -29.63
CA HIS B 25 -0.27 -8.72 -30.41
C HIS B 25 -0.97 -9.68 -31.36
N LEU B 26 -2.10 -10.27 -30.94
CA LEU B 26 -2.78 -11.30 -31.70
C LEU B 26 -4.07 -10.82 -32.35
N LYS B 27 -4.34 -9.51 -32.30
CA LYS B 27 -5.57 -8.99 -32.90
C LYS B 27 -5.61 -9.18 -34.40
N GLU B 28 -4.45 -9.17 -35.06
CA GLU B 28 -4.44 -9.21 -36.52
C GLU B 28 -4.75 -10.61 -37.05
N LYS B 29 -4.35 -11.65 -36.33
CA LYS B 29 -4.50 -13.02 -36.79
C LYS B 29 -5.81 -13.66 -36.34
N TYR B 30 -6.76 -12.88 -35.83
CA TYR B 30 -8.04 -13.42 -35.39
C TYR B 30 -9.15 -12.45 -35.76
N ASP B 31 -10.29 -12.99 -36.17
CA ASP B 31 -11.45 -12.19 -36.58
C ASP B 31 -12.62 -12.30 -35.64
N LYS B 32 -12.44 -12.94 -34.48
CA LYS B 32 -13.47 -13.00 -33.44
C LYS B 32 -12.80 -12.98 -32.08
N PHE B 33 -13.46 -12.36 -31.11
CA PHE B 33 -12.89 -12.20 -29.78
C PHE B 33 -13.99 -12.38 -28.75
N VAL B 34 -13.75 -13.27 -27.79
CA VAL B 34 -14.67 -13.52 -26.69
C VAL B 34 -14.02 -13.05 -25.40
N LEU B 35 -14.66 -12.09 -24.74
CA LEU B 35 -14.18 -11.57 -23.46
C LEU B 35 -15.09 -12.11 -22.36
N ILE B 36 -14.62 -13.15 -21.68
CA ILE B 36 -15.38 -13.78 -20.60
C ILE B 36 -15.22 -12.91 -19.35
N TYR B 37 -16.32 -12.28 -18.92
CA TYR B 37 -16.30 -11.37 -17.79
C TYR B 37 -17.24 -11.86 -16.70
N SER B 38 -17.06 -11.30 -15.51
CA SER B 38 -17.83 -11.68 -14.33
C SER B 38 -18.99 -10.71 -14.13
N GLU B 39 -20.10 -11.24 -13.62
CA GLU B 39 -21.24 -10.44 -13.23
C GLU B 39 -21.06 -9.96 -11.79
N LYS B 40 -22.05 -9.25 -11.26
CA LYS B 40 -22.00 -8.70 -9.92
C LYS B 40 -23.12 -9.31 -9.09
N ASN B 41 -22.74 -10.19 -8.16
CA ASN B 41 -23.67 -10.77 -7.20
C ASN B 41 -23.14 -10.42 -5.81
N ASP B 42 -23.74 -9.40 -5.19
CA ASP B 42 -23.27 -8.96 -3.87
C ASP B 42 -23.44 -10.04 -2.82
N LYS B 43 -24.38 -10.95 -3.02
CA LYS B 43 -24.62 -12.01 -2.02
C LYS B 43 -23.43 -12.96 -1.92
N ILE B 44 -22.69 -13.15 -3.00
CA ILE B 44 -21.49 -13.98 -2.98
C ILE B 44 -20.21 -13.15 -2.98
N ASN B 45 -20.31 -11.85 -2.71
CA ASN B 45 -19.15 -10.96 -2.57
C ASN B 45 -18.30 -10.94 -3.84
N GLN B 46 -18.97 -10.75 -4.97
CA GLN B 46 -18.35 -10.85 -6.29
C GLN B 46 -18.71 -9.63 -7.11
N ASN B 47 -17.70 -8.84 -7.47
CA ASN B 47 -17.89 -7.67 -8.31
C ASN B 47 -17.71 -8.05 -9.78
N SER B 48 -18.02 -7.10 -10.66
CA SER B 48 -18.04 -7.33 -12.10
C SER B 48 -16.80 -6.73 -12.74
N THR B 49 -16.10 -7.55 -13.54
CA THR B 49 -15.02 -7.08 -14.39
C THR B 49 -15.52 -6.57 -15.73
N TYR B 50 -16.82 -6.30 -15.85
CA TYR B 50 -17.40 -5.86 -17.12
C TYR B 50 -16.79 -4.54 -17.57
N ASP B 51 -16.58 -3.61 -16.64
CA ASP B 51 -15.97 -2.33 -16.97
C ASP B 51 -14.55 -2.50 -17.49
N TYR B 52 -13.82 -3.48 -16.95
CA TYR B 52 -12.49 -3.76 -17.49
C TYR B 52 -12.58 -4.34 -18.89
N ALA B 53 -13.52 -5.25 -19.13
CA ALA B 53 -13.66 -5.82 -20.46
C ALA B 53 -14.22 -4.82 -21.45
N LYS B 54 -15.09 -3.92 -20.97
CA LYS B 54 -15.59 -2.84 -21.83
C LYS B 54 -14.44 -1.96 -22.32
N LYS B 55 -13.52 -1.60 -21.42
CA LYS B 55 -12.40 -0.75 -21.80
C LYS B 55 -11.50 -1.46 -22.81
N LEU B 56 -11.32 -2.78 -22.66
CA LEU B 56 -10.49 -3.51 -23.61
C LEU B 56 -11.10 -3.51 -25.00
N LYS B 57 -12.42 -3.69 -25.10
CA LYS B 57 -13.08 -3.65 -26.39
C LYS B 57 -12.92 -2.29 -27.06
N GLU B 58 -12.91 -1.21 -26.26
CA GLU B 58 -12.77 0.13 -26.82
C GLU B 58 -11.36 0.36 -27.33
N HIS B 59 -10.35 0.15 -26.48
CA HIS B 59 -8.99 0.49 -26.86
C HIS B 59 -8.38 -0.50 -27.83
N LEU B 60 -8.89 -1.73 -27.88
CA LEU B 60 -8.51 -2.67 -28.93
C LEU B 60 -9.41 -2.57 -30.15
N ASN B 61 -10.43 -1.71 -30.11
CA ASN B 61 -11.32 -1.46 -31.25
C ASN B 61 -11.86 -2.77 -31.82
N LEU B 62 -12.44 -3.59 -30.96
CA LEU B 62 -12.97 -4.86 -31.43
C LEU B 62 -14.36 -4.70 -32.04
N ASN B 63 -15.19 -3.85 -31.42
CA ASN B 63 -16.52 -3.53 -31.90
C ASN B 63 -17.37 -4.77 -32.12
N ASP B 64 -17.67 -5.08 -33.39
CA ASP B 64 -18.59 -6.17 -33.67
C ASP B 64 -17.91 -7.53 -33.54
N LYS B 65 -16.58 -7.58 -33.67
CA LYS B 65 -15.84 -8.83 -33.52
C LYS B 65 -15.78 -9.30 -32.08
N CYS B 66 -16.40 -8.60 -31.14
CA CYS B 66 -16.29 -8.91 -29.72
C CYS B 66 -17.61 -9.45 -29.19
N ILE B 67 -17.55 -10.61 -28.55
CA ILE B 67 -18.69 -11.22 -27.88
C ILE B 67 -18.42 -11.23 -26.38
N PHE B 68 -19.41 -10.83 -25.60
CA PHE B 68 -19.30 -10.76 -24.15
C PHE B 68 -19.98 -11.98 -23.54
N LEU B 69 -19.24 -12.73 -22.72
CA LEU B 69 -19.81 -13.89 -22.06
C LEU B 69 -19.82 -13.68 -20.56
N PRO B 70 -21.01 -13.49 -19.98
CA PRO B 70 -21.10 -13.25 -18.53
C PRO B 70 -21.13 -14.55 -17.72
N LEU B 71 -20.21 -14.69 -16.79
CA LEU B 71 -20.19 -15.84 -15.88
C LEU B 71 -20.81 -15.41 -14.55
N SER B 72 -21.84 -16.14 -14.13
CA SER B 72 -22.58 -15.72 -12.95
C SER B 72 -21.77 -15.91 -11.68
N ASP B 73 -21.05 -17.03 -11.60
CA ASP B 73 -20.21 -17.34 -10.45
C ASP B 73 -18.82 -17.69 -10.95
N VAL B 74 -17.82 -16.93 -10.51
CA VAL B 74 -16.44 -17.16 -10.92
C VAL B 74 -15.69 -18.00 -9.89
N SER B 75 -16.41 -18.77 -9.07
CA SER B 75 -15.78 -19.67 -8.11
C SER B 75 -16.40 -21.06 -8.09
N ASN B 76 -17.51 -21.27 -8.80
CA ASN B 76 -18.21 -22.55 -8.81
C ASN B 76 -17.96 -23.21 -10.17
N SER B 77 -17.29 -24.35 -10.14
CA SER B 77 -16.99 -25.09 -11.37
C SER B 77 -18.25 -25.39 -12.15
N GLU B 78 -19.31 -25.84 -11.47
CA GLU B 78 -20.53 -26.21 -12.14
C GLU B 78 -21.18 -25.01 -12.83
N LYS B 79 -21.29 -23.89 -12.10
CA LYS B 79 -21.97 -22.72 -12.66
C LYS B 79 -21.15 -22.06 -13.77
N ILE B 80 -19.82 -22.18 -13.70
CA ILE B 80 -18.97 -21.66 -14.77
C ILE B 80 -19.28 -22.39 -16.07
N ILE B 81 -19.17 -23.73 -16.05
CA ILE B 81 -19.33 -24.51 -17.27
C ILE B 81 -20.76 -24.41 -17.79
N ASN B 82 -21.73 -24.33 -16.87
CA ASN B 82 -23.12 -24.19 -17.29
C ASN B 82 -23.34 -22.88 -18.05
N ASP B 83 -22.86 -21.77 -17.48
CA ASP B 83 -22.97 -20.49 -18.15
C ASP B 83 -22.17 -20.47 -19.45
N LEU B 84 -21.08 -21.25 -19.51
CA LEU B 84 -20.28 -21.31 -20.73
C LEU B 84 -21.05 -21.98 -21.86
N ARG B 85 -21.50 -23.22 -21.64
CA ARG B 85 -22.27 -23.92 -22.67
C ARG B 85 -23.49 -23.13 -23.09
N GLU B 86 -24.12 -22.44 -22.14
CA GLU B 86 -25.33 -21.68 -22.44
C GLU B 86 -25.01 -20.45 -23.28
N LYS B 87 -23.85 -19.84 -23.10
CA LYS B 87 -23.57 -18.53 -23.68
C LYS B 87 -22.34 -18.44 -24.55
N PHE B 88 -21.51 -19.48 -24.63
CA PHE B 88 -20.34 -19.40 -25.50
C PHE B 88 -20.80 -19.40 -26.97
N PRO B 89 -20.12 -18.63 -27.83
CA PRO B 89 -20.50 -18.61 -29.25
C PRO B 89 -20.52 -19.98 -29.90
N SER B 90 -21.70 -20.41 -30.33
CA SER B 90 -21.88 -21.68 -31.01
C SER B 90 -21.57 -21.60 -32.49
N GLU B 91 -20.89 -20.55 -32.94
CA GLU B 91 -20.56 -20.39 -34.35
C GLU B 91 -19.50 -21.42 -34.75
N ASP B 92 -19.19 -21.42 -36.05
CA ASP B 92 -18.16 -22.30 -36.59
C ASP B 92 -16.81 -21.61 -36.50
N PHE B 93 -15.85 -22.27 -35.86
CA PHE B 93 -14.51 -21.72 -35.68
C PHE B 93 -13.48 -22.73 -36.15
N VAL B 94 -12.45 -22.25 -36.82
CA VAL B 94 -11.39 -23.13 -37.29
C VAL B 94 -10.22 -23.19 -36.31
N GLU B 95 -9.95 -22.10 -35.60
CA GLU B 95 -8.94 -22.07 -34.55
C GLU B 95 -9.51 -21.36 -33.34
N VAL B 96 -9.42 -22.00 -32.18
CA VAL B 96 -9.87 -21.44 -30.91
C VAL B 96 -8.65 -21.24 -30.03
N HIS B 97 -8.29 -19.98 -29.80
CA HIS B 97 -7.14 -19.64 -28.98
C HIS B 97 -7.62 -19.04 -27.67
N LEU B 98 -7.15 -19.60 -26.56
CA LEU B 98 -7.47 -19.09 -25.23
C LEU B 98 -6.25 -18.48 -24.59
N ASN B 99 -6.42 -17.25 -24.08
CA ASN B 99 -5.42 -16.67 -23.20
C ASN B 99 -5.95 -16.79 -21.80
N TYR B 100 -5.34 -17.70 -21.05
CA TYR B 100 -5.79 -17.99 -19.72
C TYR B 100 -4.90 -17.30 -18.70
N THR B 101 -4.38 -16.13 -19.05
CA THR B 101 -3.50 -15.42 -18.15
C THR B 101 -4.29 -14.75 -17.01
N GLY B 102 -5.55 -14.42 -17.26
CA GLY B 102 -6.36 -13.74 -16.26
C GLY B 102 -7.51 -14.59 -15.76
N GLY B 103 -8.27 -13.98 -14.84
CA GLY B 103 -9.42 -14.64 -14.25
C GLY B 103 -9.04 -15.48 -13.04
N THR B 104 -10.05 -16.07 -12.43
CA THR B 104 -9.81 -16.92 -11.27
C THR B 104 -9.31 -18.27 -11.70
N LYS B 105 -8.63 -18.98 -10.80
CA LYS B 105 -8.09 -20.29 -11.11
C LYS B 105 -9.16 -21.21 -11.67
N THR B 106 -10.32 -21.25 -11.03
CA THR B 106 -11.39 -22.13 -11.47
C THR B 106 -11.77 -21.80 -12.90
N MET B 107 -11.82 -20.51 -13.21
CA MET B 107 -12.17 -20.10 -14.55
C MET B 107 -11.13 -20.55 -15.56
N VAL B 108 -9.86 -20.42 -15.20
CA VAL B 108 -8.83 -20.73 -16.17
C VAL B 108 -8.81 -22.21 -16.50
N VAL B 109 -9.31 -23.04 -15.61
CA VAL B 109 -9.20 -24.48 -15.81
C VAL B 109 -10.45 -25.04 -16.41
N HIS B 110 -11.59 -24.52 -15.99
CA HIS B 110 -12.87 -25.04 -16.48
C HIS B 110 -13.20 -24.49 -17.84
N ILE B 111 -12.76 -23.28 -18.13
CA ILE B 111 -12.98 -22.74 -19.46
C ILE B 111 -12.06 -23.49 -20.39
N TYR B 112 -10.80 -23.57 -20.03
CA TYR B 112 -9.85 -24.28 -20.87
C TYR B 112 -10.41 -25.62 -21.33
N ASN B 113 -10.85 -26.44 -20.38
CA ASN B 113 -11.30 -27.79 -20.69
C ASN B 113 -12.68 -27.82 -21.32
N PHE B 114 -13.51 -26.80 -21.11
CA PHE B 114 -14.77 -26.72 -21.83
C PHE B 114 -14.53 -26.47 -23.32
N LEU B 115 -13.65 -25.51 -23.63
CA LEU B 115 -13.35 -25.24 -25.03
C LEU B 115 -12.58 -26.38 -25.67
N LYS B 116 -11.69 -27.03 -24.90
CA LYS B 116 -10.85 -28.07 -25.47
C LYS B 116 -11.69 -29.25 -25.95
N GLU B 117 -12.79 -29.54 -25.27
CA GLU B 117 -13.66 -30.63 -25.68
C GLU B 117 -14.69 -30.19 -26.70
N LYS B 118 -15.27 -29.00 -26.53
CA LYS B 118 -16.22 -28.48 -27.50
C LYS B 118 -15.58 -28.31 -28.88
N PHE B 119 -14.25 -28.20 -28.93
CA PHE B 119 -13.52 -28.02 -30.17
C PHE B 119 -12.44 -29.09 -30.33
N LYS B 120 -12.79 -30.33 -30.00
CA LYS B 120 -11.87 -31.44 -30.20
C LYS B 120 -11.85 -31.92 -31.64
N ASN B 121 -12.95 -31.72 -32.37
CA ASN B 121 -13.01 -32.07 -33.78
C ASN B 121 -11.88 -31.40 -34.54
N ASN B 122 -11.14 -32.19 -35.33
CA ASN B 122 -9.94 -31.71 -35.97
C ASN B 122 -10.20 -30.62 -37.00
N LYS B 123 -11.46 -30.39 -37.38
CA LYS B 123 -11.80 -29.19 -38.13
C LYS B 123 -11.51 -27.93 -37.34
N ILE B 124 -11.34 -28.05 -36.02
CA ILE B 124 -11.06 -26.94 -35.13
C ILE B 124 -9.74 -27.22 -34.42
N LYS B 125 -8.81 -26.26 -34.50
CA LYS B 125 -7.52 -26.38 -33.84
C LYS B 125 -7.51 -25.55 -32.57
N PHE B 126 -7.06 -26.15 -31.47
CA PHE B 126 -7.06 -25.48 -30.17
C PHE B 126 -5.66 -25.04 -29.78
N GLU B 127 -5.57 -23.87 -29.18
CA GLU B 127 -4.31 -23.30 -28.73
C GLU B 127 -4.54 -22.55 -27.42
N GLY B 128 -3.50 -22.51 -26.57
CA GLY B 128 -3.57 -21.81 -25.32
C GLY B 128 -2.35 -20.95 -25.05
N SER B 129 -2.57 -19.74 -24.53
CA SER B 129 -1.49 -18.79 -24.29
C SER B 129 -1.52 -18.31 -22.84
N TYR B 130 -0.36 -17.81 -22.41
CA TYR B 130 -0.18 -17.25 -21.07
C TYR B 130 0.97 -16.28 -21.13
N LEU B 131 0.73 -15.05 -20.68
CA LEU B 131 1.75 -14.00 -20.69
C LEU B 131 2.48 -14.02 -19.34
N ASP B 132 3.71 -14.51 -19.36
CA ASP B 132 4.51 -14.56 -18.14
C ASP B 132 4.92 -13.15 -17.74
N ALA B 133 4.44 -12.69 -16.59
CA ALA B 133 4.83 -11.37 -16.09
C ALA B 133 6.28 -11.32 -15.68
N ARG B 134 6.90 -12.46 -15.38
CA ARG B 134 8.26 -12.45 -14.85
C ARG B 134 9.28 -12.20 -15.96
N ASP B 135 9.16 -12.92 -17.07
CA ASP B 135 10.09 -12.77 -18.19
C ASP B 135 9.49 -12.02 -19.38
N TYR B 136 8.24 -11.55 -19.26
CA TYR B 136 7.56 -10.78 -20.30
C TYR B 136 7.56 -11.53 -21.63
N LYS B 137 6.94 -12.71 -21.60
CA LYS B 137 6.86 -13.58 -22.77
C LYS B 137 5.46 -14.18 -22.87
N LEU B 138 5.11 -14.59 -24.08
CA LEU B 138 3.83 -15.24 -24.35
C LEU B 138 4.13 -16.71 -24.66
N VAL B 139 4.13 -17.54 -23.63
CA VAL B 139 4.35 -18.97 -23.79
C VAL B 139 3.08 -19.61 -24.33
N TYR B 140 3.25 -20.55 -25.26
CA TYR B 140 2.12 -21.24 -25.87
C TYR B 140 2.04 -22.65 -25.36
N ASP B 141 0.85 -23.12 -25.05
CA ASP B 141 0.69 -24.43 -24.47
C ASP B 141 1.13 -25.53 -25.41
N TYR B 142 1.91 -26.48 -24.88
CA TYR B 142 2.31 -27.65 -25.67
C TYR B 142 3.21 -27.29 -26.84
N SER B 143 3.54 -26.02 -26.96
CA SER B 143 4.45 -25.60 -28.01
C SER B 143 5.59 -24.89 -27.35
N GLU B 144 6.81 -25.24 -27.70
CA GLU B 144 7.96 -24.64 -27.05
C GLU B 144 8.10 -23.18 -27.47
N GLU B 145 7.26 -22.74 -28.39
CA GLU B 145 7.35 -21.38 -28.88
C GLU B 145 7.40 -20.39 -27.74
N ALA B 146 8.33 -19.44 -27.80
CA ALA B 146 8.41 -18.41 -26.77
C ALA B 146 8.46 -17.06 -27.43
N ILE B 147 7.38 -16.31 -27.31
CA ILE B 147 7.29 -15.01 -27.96
C ILE B 147 7.38 -13.94 -26.88
N SER B 148 8.51 -13.24 -26.84
CA SER B 148 8.68 -12.14 -25.90
C SER B 148 7.95 -10.91 -26.42
N LEU B 149 7.20 -10.26 -25.55
CA LEU B 149 6.47 -9.04 -25.91
C LEU B 149 6.93 -7.85 -25.07
N LYS B 150 8.12 -7.93 -24.46
CA LYS B 150 8.58 -6.85 -23.60
C LYS B 150 8.86 -5.59 -24.41
N ASP B 151 9.61 -5.73 -25.50
CA ASP B 151 9.98 -4.62 -26.35
C ASP B 151 9.13 -4.51 -27.61
N THR B 152 8.06 -5.30 -27.71
CA THR B 152 7.19 -5.28 -28.89
C THR B 152 5.91 -4.50 -28.64
N ILE B 153 5.23 -4.76 -27.52
CA ILE B 153 3.98 -4.09 -27.20
C ILE B 153 4.29 -2.85 -26.37
N LYS B 154 3.71 -1.71 -26.75
CA LYS B 154 3.92 -0.46 -26.05
C LYS B 154 2.57 0.19 -25.78
N ILE B 155 2.40 0.71 -24.57
CA ILE B 155 1.14 1.32 -24.14
C ILE B 155 1.41 2.77 -23.78
N ASP B 156 0.41 3.62 -23.98
CA ASP B 156 0.48 5.03 -23.62
C ASP B 156 -0.15 5.25 -22.25
N ILE B 157 0.25 6.35 -21.61
CA ILE B 157 -0.15 6.60 -20.23
C ILE B 157 -1.65 6.81 -20.15
N ASN B 158 -2.26 7.41 -21.18
CA ASN B 158 -3.69 7.63 -21.17
C ASN B 158 -4.47 6.32 -21.30
N THR B 159 -3.97 5.41 -22.13
CA THR B 159 -4.64 4.12 -22.30
C THR B 159 -4.50 3.26 -21.05
N LEU B 160 -3.32 3.27 -20.43
CA LEU B 160 -3.08 2.44 -19.26
C LEU B 160 -3.98 2.84 -18.10
N LEU B 161 -4.10 4.16 -17.85
CA LEU B 161 -5.01 4.63 -16.82
C LEU B 161 -6.47 4.45 -17.23
N SER B 162 -6.75 4.36 -18.52
CA SER B 162 -8.12 4.16 -18.98
C SER B 162 -8.57 2.72 -18.79
N ILE B 163 -7.68 1.75 -19.07
CA ILE B 163 -8.04 0.36 -18.86
C ILE B 163 -8.13 0.02 -17.39
N HIS B 164 -7.51 0.83 -16.51
CA HIS B 164 -7.65 0.67 -15.07
C HIS B 164 -8.67 1.68 -14.52
N LEU B 165 -9.58 2.17 -15.38
CA LEU B 165 -10.80 2.87 -14.98
C LEU B 165 -10.65 4.30 -14.46
N TYR B 166 -9.50 4.92 -14.71
CA TYR B 166 -9.26 6.31 -14.38
C TYR B 166 -9.51 7.29 -15.52
N GLU B 167 -9.85 8.52 -15.15
CA GLU B 167 -10.24 9.55 -16.09
C GLU B 167 -9.63 10.87 -15.69
N ASP B 168 -9.80 11.86 -16.55
CA ASP B 168 -9.25 13.21 -16.38
C ASP B 168 -7.74 13.16 -16.14
N ILE B 169 -7.06 12.53 -17.09
CA ILE B 169 -5.62 12.31 -17.01
C ILE B 169 -4.91 13.59 -17.45
N HIS B 170 -4.19 14.23 -16.54
CA HIS B 170 -3.50 15.47 -16.82
C HIS B 170 -2.06 15.38 -16.36
N PHE B 171 -1.13 15.71 -17.25
CA PHE B 171 0.29 15.70 -16.94
C PHE B 171 0.94 16.93 -17.53
N GLU B 172 2.03 17.37 -16.90
CA GLU B 172 2.87 18.45 -17.40
C GLU B 172 4.12 17.84 -18.05
N PHE B 173 4.55 18.45 -19.14
CA PHE B 173 5.78 18.03 -19.80
C PHE B 173 6.81 19.17 -19.76
N TYR B 174 7.92 18.95 -20.46
CA TYR B 174 9.08 19.83 -20.34
C TYR B 174 8.73 21.27 -20.70
N ASP B 175 7.99 21.46 -21.80
CA ASP B 175 7.68 22.80 -22.29
C ASP B 175 6.55 23.47 -21.52
N THR B 176 5.89 22.78 -20.60
CA THR B 176 4.74 23.33 -19.88
C THR B 176 4.87 23.09 -18.39
N TYR B 177 6.07 23.21 -17.85
CA TYR B 177 6.23 23.14 -16.40
C TYR B 177 5.61 24.38 -15.76
N SER B 178 4.87 24.17 -14.68
CA SER B 178 4.12 25.26 -14.06
C SER B 178 5.05 26.36 -13.57
N TYR B 179 6.08 25.99 -12.80
CA TYR B 179 6.98 27.00 -12.24
C TYR B 179 7.84 27.66 -13.31
N LYS B 180 7.99 27.04 -14.48
CA LYS B 180 8.65 27.70 -15.60
C LYS B 180 7.85 28.91 -16.06
N GLN B 181 6.53 28.89 -15.89
CA GLN B 181 5.69 30.03 -16.21
C GLN B 181 5.55 31.01 -15.05
N LYS B 182 5.75 30.55 -13.81
CA LYS B 182 5.61 31.41 -12.65
C LYS B 182 6.89 32.19 -12.34
N PHE B 183 8.06 31.58 -12.52
CA PHE B 183 9.33 32.28 -12.43
C PHE B 183 9.79 32.57 -13.85
N VAL B 184 9.26 33.64 -14.42
CA VAL B 184 9.56 34.02 -15.79
C VAL B 184 10.96 34.62 -15.87
N ASP B 185 11.67 34.29 -16.94
CA ASP B 185 13.03 34.73 -17.25
C ASP B 185 14.03 34.40 -16.14
N SER B 186 13.70 33.49 -15.25
CA SER B 186 14.60 33.09 -14.16
C SER B 186 14.64 31.60 -13.89
N PHE B 187 13.68 30.83 -14.39
CA PHE B 187 13.62 29.40 -14.07
C PHE B 187 14.88 28.67 -14.52
N ASP B 188 15.41 29.05 -15.69
CA ASP B 188 16.62 28.41 -16.18
C ASP B 188 17.81 28.70 -15.27
N LYS B 189 17.90 29.94 -14.77
CA LYS B 189 18.98 30.27 -13.85
C LYS B 189 18.76 29.62 -12.49
N ILE B 190 17.50 29.55 -12.04
CA ILE B 190 17.20 28.88 -10.78
C ILE B 190 17.53 27.40 -10.87
N SER B 191 17.10 26.75 -11.95
CA SER B 191 17.37 25.33 -12.13
C SER B 191 18.86 25.08 -12.34
N GLN B 192 19.54 25.95 -13.08
CA GLN B 192 20.98 25.80 -13.29
C GLN B 192 21.72 25.78 -11.97
N GLU B 193 21.41 26.73 -11.08
CA GLU B 193 22.09 26.81 -9.79
C GLU B 193 21.79 25.57 -8.95
N ILE B 194 20.55 25.10 -8.99
CA ILE B 194 20.19 23.89 -8.24
C ILE B 194 20.88 22.68 -8.85
N GLU B 195 20.86 22.55 -10.18
CA GLU B 195 21.52 21.42 -10.82
C GLU B 195 23.02 21.46 -10.55
N LYS B 196 23.63 22.64 -10.68
CA LYS B 196 25.07 22.78 -10.41
C LYS B 196 25.41 22.36 -8.98
N ALA B 197 24.60 22.78 -8.01
CA ALA B 197 24.90 22.46 -6.62
C ALA B 197 24.76 20.97 -6.34
N ILE B 198 23.71 20.34 -6.90
CA ILE B 198 23.50 18.91 -6.66
C ILE B 198 24.65 18.10 -7.24
N LYS B 199 25.10 18.46 -8.45
CA LYS B 199 26.25 17.76 -9.04
C LYS B 199 27.52 17.96 -8.22
N ASP B 200 27.55 18.94 -7.31
CA ASP B 200 28.69 19.18 -6.44
C ASP B 200 28.50 18.56 -5.06
N ASP B 201 27.66 17.53 -4.95
CA ASP B 201 27.44 16.79 -3.71
C ASP B 201 26.95 17.72 -2.59
N LYS B 202 26.15 18.72 -2.97
CA LYS B 202 25.59 19.67 -2.01
C LYS B 202 24.14 19.37 -1.68
N GLY B 203 23.70 18.15 -1.97
CA GLY B 203 22.32 17.77 -1.63
C GLY B 203 22.09 17.90 -0.13
N GLU B 204 22.73 17.06 0.67
CA GLU B 204 22.56 17.10 2.11
C GLU B 204 22.61 18.51 2.60
N ASP B 205 23.47 19.32 1.99
CA ASP B 205 23.62 20.69 2.43
C ASP B 205 22.31 21.43 2.26
N PHE B 206 21.77 21.37 1.05
CA PHE B 206 20.52 22.06 0.77
C PHE B 206 19.43 21.55 1.68
N VAL B 207 19.29 20.23 1.78
CA VAL B 207 18.22 19.67 2.58
C VAL B 207 18.29 20.14 4.00
N LYS B 208 19.48 20.20 4.57
CA LYS B 208 19.61 20.58 5.97
C LYS B 208 19.22 22.02 6.14
N TRP B 209 19.58 22.84 5.17
CA TRP B 209 19.19 24.27 5.22
C TRP B 209 17.69 24.37 4.97
N LEU B 210 17.17 23.47 4.13
CA LEU B 210 15.73 23.48 3.89
C LEU B 210 14.95 23.14 5.15
N GLU B 211 15.49 22.23 5.97
CA GLU B 211 14.85 21.92 7.25
C GLU B 211 14.99 23.09 8.22
N ASP B 212 16.22 23.52 8.46
CA ASP B 212 16.50 24.68 9.31
C ASP B 212 17.54 25.54 8.59
N PRO B 213 17.30 26.84 8.43
CA PRO B 213 16.18 27.62 8.93
C PRO B 213 15.03 27.82 7.95
N PHE B 214 15.01 27.14 6.81
CA PHE B 214 14.01 27.46 5.79
C PHE B 214 12.61 27.08 6.25
N ARG B 215 12.39 25.78 6.50
CA ARG B 215 11.06 25.33 6.92
C ARG B 215 10.68 25.78 8.32
N LYS B 216 11.55 26.52 9.01
CA LYS B 216 11.20 27.13 10.28
C LYS B 216 10.83 28.60 10.16
N ILE B 217 11.07 29.21 9.01
CA ILE B 217 10.78 30.62 8.78
C ILE B 217 9.57 30.80 7.86
N PHE B 218 9.45 29.94 6.84
CA PHE B 218 8.42 30.07 5.83
C PHE B 218 7.34 28.99 5.89
N LYS B 219 7.56 27.93 6.66
CA LYS B 219 6.61 26.86 6.78
C LYS B 219 6.45 26.51 8.23
N GLY B 220 5.93 27.46 8.99
CA GLY B 220 5.63 27.23 10.39
C GLY B 220 4.14 27.23 10.69
N GLU B 221 3.36 27.92 9.86
CA GLU B 221 1.92 27.97 10.06
C GLU B 221 1.18 27.65 8.78
N ASN B 222 -0.06 27.20 8.93
CA ASN B 222 -0.83 26.61 7.84
C ASN B 222 -1.10 27.57 6.68
N LYS B 223 -1.05 28.87 6.95
CA LYS B 223 -1.22 29.87 5.90
C LYS B 223 -0.45 31.13 6.23
N LEU B 224 0.79 31.00 6.69
CA LEU B 224 1.55 32.17 7.11
C LEU B 224 2.07 32.95 5.92
N LEU B 225 1.96 32.37 4.74
CA LEU B 225 2.43 33.03 3.54
C LEU B 225 1.25 33.54 2.74
N GLU B 226 0.11 33.63 3.42
CA GLU B 226 -1.10 34.16 2.85
C GLU B 226 -1.61 35.31 3.69
N LYS B 227 -1.02 35.47 4.87
CA LYS B 227 -1.39 36.59 5.74
C LYS B 227 -0.11 37.25 6.22
N THR B 228 -0.02 38.57 6.01
CA THR B 228 1.18 39.30 6.43
C THR B 228 1.32 39.31 7.95
N ALA B 229 0.20 39.33 8.67
CA ALA B 229 0.25 39.43 10.13
C ALA B 229 0.86 38.17 10.74
N LYS B 230 0.33 37.02 10.35
CA LYS B 230 0.79 35.77 10.91
C LYS B 230 2.29 35.68 10.76
N PHE B 231 2.78 36.21 9.65
CA PHE B 231 4.17 36.04 9.29
C PHE B 231 5.00 36.89 10.20
N LYS B 232 4.76 38.19 10.14
CA LYS B 232 5.52 39.10 10.98
C LYS B 232 5.41 38.61 12.41
N LYS B 233 4.28 38.04 12.79
CA LYS B 233 4.20 37.41 14.10
C LYS B 233 5.18 36.25 14.19
N HIS B 234 5.23 35.41 13.16
CA HIS B 234 6.15 34.27 13.16
C HIS B 234 7.60 34.74 13.17
N ILE B 235 7.90 35.82 12.44
CA ILE B 235 9.25 36.37 12.44
C ILE B 235 9.63 36.83 13.83
N GLU B 236 8.74 37.58 14.48
CA GLU B 236 9.05 38.10 15.81
C GLU B 236 9.10 36.98 16.84
N LYS B 237 8.27 35.95 16.69
CA LYS B 237 8.29 34.85 17.63
C LYS B 237 9.60 34.07 17.54
N LEU B 238 10.16 33.94 16.34
CA LEU B 238 11.49 33.38 16.20
C LEU B 238 12.55 34.34 16.72
N LEU B 239 12.40 35.63 16.42
CA LEU B 239 13.35 36.63 16.90
C LEU B 239 13.39 36.72 18.41
N LYS B 240 12.38 36.17 19.10
CA LYS B 240 12.41 36.15 20.56
C LYS B 240 13.61 35.38 21.07
N ASP B 241 14.03 34.34 20.34
CA ASP B 241 15.18 33.54 20.77
C ASP B 241 16.48 34.32 20.71
N ASN B 242 16.48 35.44 19.98
CA ASN B 242 17.71 36.18 19.78
C ASN B 242 18.64 35.22 19.09
N ASP B 243 19.85 35.04 19.59
CA ASP B 243 20.72 34.03 18.99
C ASP B 243 20.05 32.66 18.99
N SER B 244 20.54 31.78 18.13
CA SER B 244 19.95 30.47 17.86
C SER B 244 18.55 30.55 17.28
N SER B 245 18.11 31.75 16.89
CA SER B 245 16.84 31.87 16.19
C SER B 245 17.02 31.50 14.72
N PRO B 246 16.00 30.92 14.09
CA PRO B 246 16.10 30.62 12.65
C PRO B 246 16.41 31.83 11.80
N ILE B 247 16.01 33.03 12.23
CA ILE B 247 16.30 34.23 11.45
C ILE B 247 17.81 34.48 11.38
N VAL B 248 18.52 34.28 12.49
CA VAL B 248 19.95 34.58 12.53
C VAL B 248 20.72 33.62 11.64
N LYS B 249 20.42 32.32 11.72
CA LYS B 249 21.11 31.35 10.88
C LYS B 249 20.92 31.67 9.40
N PHE B 250 19.72 32.13 9.02
CA PHE B 250 19.50 32.56 7.64
C PHE B 250 20.42 33.72 7.28
N ASN B 251 20.43 34.77 8.09
CA ASN B 251 21.19 35.97 7.76
C ASN B 251 22.69 35.73 7.86
N GLU B 252 23.12 34.81 8.71
CA GLU B 252 24.54 34.59 8.95
C GLU B 252 25.10 33.27 8.43
N LYS B 253 24.70 32.18 9.07
CA LYS B 253 25.21 30.86 8.70
C LYS B 253 24.43 30.26 7.57
N THR B 254 24.59 30.81 6.39
CA THR B 254 23.91 30.36 5.19
C THR B 254 24.98 30.18 4.13
N PRO B 255 25.16 28.97 3.58
CA PRO B 255 26.22 28.75 2.60
C PRO B 255 25.99 29.57 1.33
N GLN B 256 27.08 29.72 0.56
CA GLN B 256 27.04 30.62 -0.58
C GLN B 256 26.17 30.08 -1.71
N PHE B 257 26.24 28.77 -1.96
CA PHE B 257 25.46 28.20 -3.05
C PHE B 257 23.96 28.35 -2.81
N ILE B 258 23.55 28.49 -1.54
CA ILE B 258 22.16 28.79 -1.24
C ILE B 258 21.83 30.23 -1.63
N TRP B 259 22.71 31.17 -1.29
CA TRP B 259 22.51 32.56 -1.70
C TRP B 259 22.49 32.70 -3.23
N ASP B 260 23.27 31.87 -3.93
CA ASP B 260 23.27 31.93 -5.39
C ASP B 260 21.90 31.53 -5.95
N ILE B 261 21.30 30.48 -5.39
CA ILE B 261 19.97 30.07 -5.82
C ILE B 261 18.94 31.09 -5.39
N LEU B 262 19.04 31.58 -4.15
CA LEU B 262 18.05 32.53 -3.64
C LEU B 262 18.03 33.80 -4.47
N ASN B 263 19.20 34.26 -4.92
CA ASN B 263 19.29 35.47 -5.73
C ASN B 263 19.06 35.22 -7.21
N ALA B 264 18.99 33.95 -7.62
CA ALA B 264 18.60 33.62 -8.99
C ALA B 264 17.12 33.83 -9.24
N PHE B 265 16.31 33.88 -8.19
CA PHE B 265 14.87 34.07 -8.33
C PHE B 265 14.59 35.50 -8.81
N PRO B 266 13.42 35.72 -9.42
CA PRO B 266 13.09 37.07 -9.89
C PRO B 266 13.07 38.05 -8.73
N GLU B 267 13.34 39.32 -9.06
CA GLU B 267 13.60 40.31 -8.02
C GLU B 267 12.41 40.47 -7.08
N GLY B 268 11.20 40.52 -7.64
CA GLY B 268 10.03 40.66 -6.80
C GLY B 268 9.52 39.40 -6.15
N LYS B 269 10.24 38.29 -6.28
CA LYS B 269 9.82 37.00 -5.73
C LYS B 269 10.97 36.32 -5.00
N LYS B 270 11.77 37.10 -4.28
CA LYS B 270 12.93 36.60 -3.56
C LYS B 270 12.68 36.68 -2.06
N LEU B 271 13.07 35.63 -1.34
CA LEU B 271 12.88 35.57 0.09
C LEU B 271 13.89 36.39 0.87
N ASN B 272 14.88 36.97 0.18
CA ASN B 272 15.96 37.68 0.83
C ASN B 272 15.98 39.14 0.38
N ASP B 273 16.59 39.98 1.21
CA ASP B 273 16.79 41.39 0.91
C ASP B 273 18.27 41.70 1.10
N GLY B 274 19.08 41.26 0.15
CA GLY B 274 20.52 41.30 0.29
C GLY B 274 21.03 40.01 0.92
N GLN B 275 21.86 40.15 1.95
CA GLN B 275 22.29 39.02 2.76
C GLN B 275 21.39 38.82 3.98
N LYS B 276 20.17 39.35 3.92
CA LYS B 276 19.27 39.25 5.09
C LYS B 276 17.88 38.78 4.65
N LEU B 277 17.07 38.27 5.58
CA LEU B 277 15.74 37.82 5.27
C LEU B 277 14.81 39.00 5.22
N TRP B 278 14.28 39.29 4.05
CA TRP B 278 13.33 40.38 3.95
C TRP B 278 12.25 40.15 4.97
N ILE B 279 12.15 41.03 5.94
CA ILE B 279 11.11 40.91 6.94
C ILE B 279 10.01 41.85 6.55
N PRO B 280 8.86 41.30 6.19
CA PRO B 280 7.79 42.16 5.69
C PRO B 280 7.46 43.26 6.68
N ASP B 281 7.26 44.47 6.17
CA ASP B 281 6.92 45.57 7.03
C ASP B 281 5.45 45.83 6.96
N ASP B 282 4.96 46.75 7.77
CA ASP B 282 3.56 47.12 7.71
C ASP B 282 3.25 47.70 6.33
N LYS B 283 1.95 47.73 6.01
CA LYS B 283 1.40 48.10 4.70
C LYS B 283 1.83 47.17 3.58
N ILE B 284 2.17 45.93 3.88
CA ILE B 284 2.44 44.92 2.86
C ILE B 284 1.21 44.02 2.77
N THR B 285 0.51 44.06 1.63
CA THR B 285 -0.74 43.33 1.49
C THR B 285 -0.51 41.83 1.61
N ASN B 286 -1.50 41.14 2.17
CA ASN B 286 -1.46 39.68 2.21
C ASN B 286 -1.51 39.08 0.81
N ASP B 287 -1.65 39.95 -0.19
CA ASP B 287 -1.60 39.50 -1.61
C ASP B 287 -0.22 39.89 -2.15
N ASN B 288 0.33 41.03 -1.71
CA ASN B 288 1.68 41.38 -2.13
C ASN B 288 2.70 40.41 -1.54
N LEU B 289 2.48 39.99 -0.29
CA LEU B 289 3.33 38.96 0.30
C LEU B 289 3.22 37.66 -0.48
N SER B 290 2.00 37.29 -0.84
CA SER B 290 1.77 36.01 -1.55
C SER B 290 2.53 36.00 -2.87
N SER B 291 2.49 37.11 -3.61
CA SER B 291 3.11 37.15 -4.95
C SER B 291 4.64 37.01 -4.83
N ARG B 292 5.19 37.14 -3.64
CA ARG B 292 6.63 37.11 -3.50
C ARG B 292 7.14 35.82 -2.89
N VAL B 293 6.53 35.39 -1.79
CA VAL B 293 7.08 34.20 -1.06
C VAL B 293 6.34 32.93 -1.44
N LYS B 294 5.05 33.01 -1.77
CA LYS B 294 4.24 31.77 -2.00
C LYS B 294 4.88 30.82 -3.02
N ASP B 295 5.14 31.26 -4.24
CA ASP B 295 5.59 30.35 -5.27
C ASP B 295 7.04 29.99 -5.06
N THR B 296 7.79 30.94 -4.53
CA THR B 296 9.20 30.69 -4.26
C THR B 296 9.40 29.67 -3.16
N VAL B 297 8.58 29.74 -2.10
CA VAL B 297 8.71 28.80 -1.00
C VAL B 297 8.29 27.40 -1.44
N GLU B 298 7.24 27.31 -2.27
CA GLU B 298 6.76 26.00 -2.70
C GLU B 298 7.80 25.30 -3.56
N PHE B 299 8.34 26.01 -4.57
CA PHE B 299 9.34 25.41 -5.43
C PHE B 299 10.62 25.07 -4.68
N LEU B 300 10.95 25.86 -3.65
CA LEU B 300 12.16 25.62 -2.86
C LEU B 300 11.96 24.59 -1.77
N ASN B 301 10.75 24.10 -1.59
CA ASN B 301 10.48 23.13 -0.54
C ASN B 301 10.62 21.70 -1.05
N GLY B 302 10.86 21.55 -2.34
CA GLY B 302 11.03 20.23 -2.92
C GLY B 302 10.72 20.08 -4.40
N LYS B 303 9.79 20.90 -4.90
CA LYS B 303 9.43 20.85 -6.30
C LYS B 303 10.69 20.88 -7.13
N TRP B 304 11.69 21.59 -6.62
CA TRP B 304 12.97 21.66 -7.33
C TRP B 304 13.54 20.27 -7.58
N PHE B 305 13.38 19.37 -6.61
CA PHE B 305 13.85 18.01 -6.78
C PHE B 305 13.09 17.29 -7.88
N GLU B 306 11.81 17.64 -8.08
CA GLU B 306 11.04 17.02 -9.14
C GLU B 306 11.51 17.47 -10.51
N TRP B 307 11.81 18.76 -10.67
CA TRP B 307 12.32 19.24 -11.94
C TRP B 307 13.74 18.72 -12.19
N TYR B 308 14.54 18.60 -11.13
CA TYR B 308 15.90 18.07 -11.28
C TYR B 308 15.86 16.65 -11.82
N VAL B 309 15.11 15.77 -11.15
CA VAL B 309 15.04 14.37 -11.56
C VAL B 309 14.44 14.26 -12.95
N TYR B 310 13.44 15.08 -13.26
CA TYR B 310 12.80 15.00 -14.57
C TYR B 310 13.76 15.39 -15.69
N SER B 311 14.56 16.42 -15.46
CA SER B 311 15.50 16.86 -16.49
C SER B 311 16.62 15.84 -16.70
N GLN B 312 17.05 15.17 -15.63
CA GLN B 312 18.13 14.19 -15.76
C GLN B 312 17.65 12.97 -16.56
N ILE B 313 16.40 12.58 -16.38
CA ILE B 313 15.88 11.40 -17.06
C ILE B 313 15.42 11.75 -18.48
N LYS B 314 15.00 12.98 -18.70
CA LYS B 314 14.51 13.35 -20.01
C LYS B 314 15.49 12.99 -21.10
N SER B 315 16.76 13.33 -20.93
CA SER B 315 17.76 13.09 -21.98
C SER B 315 17.93 11.60 -22.26
N GLU B 316 18.10 10.81 -21.22
CA GLU B 316 18.31 9.39 -21.42
C GLU B 316 17.20 8.81 -22.24
N LEU B 317 15.97 9.13 -21.89
CA LEU B 317 14.82 8.55 -22.58
C LEU B 317 14.69 8.97 -24.04
N LEU B 318 15.01 10.22 -24.33
CA LEU B 318 14.93 10.70 -25.70
C LEU B 318 15.90 9.92 -26.54
N ASP B 319 17.06 9.60 -25.96
CA ASP B 319 18.03 8.73 -26.68
C ASP B 319 17.27 7.45 -27.06
N ARG B 320 16.47 6.93 -26.13
CA ARG B 320 15.63 5.79 -26.42
C ARG B 320 14.42 6.34 -27.15
N LYS B 321 13.39 5.53 -27.34
CA LYS B 321 12.25 6.02 -28.12
C LYS B 321 11.16 6.63 -27.26
N LEU B 322 11.23 6.45 -25.94
CA LEU B 322 10.15 6.92 -25.10
C LEU B 322 9.70 8.29 -25.55
N LYS B 323 8.39 8.46 -25.71
CA LYS B 323 7.85 9.74 -26.14
C LYS B 323 7.26 10.52 -24.97
N GLU B 324 7.60 11.79 -24.86
CA GLU B 324 7.14 12.59 -23.74
C GLU B 324 5.63 12.79 -23.81
N GLY B 325 4.97 12.70 -22.65
CA GLY B 325 3.53 12.78 -22.59
C GLY B 325 2.85 11.47 -22.96
N GLU B 326 3.51 10.64 -23.76
CA GLU B 326 2.99 9.34 -24.15
C GLU B 326 3.61 8.20 -23.36
N HIS B 327 4.88 8.33 -22.97
CA HIS B 327 5.55 7.30 -22.19
C HIS B 327 6.25 7.81 -20.94
N PHE B 328 6.47 9.11 -20.81
CA PHE B 328 7.03 9.65 -19.58
C PHE B 328 6.55 11.09 -19.40
N GLY B 329 6.63 11.57 -18.16
CA GLY B 329 6.19 12.91 -17.85
C GLY B 329 6.24 13.15 -16.35
N ILE B 330 5.86 14.39 -15.98
CA ILE B 330 5.94 14.85 -14.60
C ILE B 330 4.59 15.42 -14.18
N SER B 331 4.26 15.31 -12.89
CA SER B 331 3.01 15.92 -12.37
C SER B 331 1.76 15.28 -12.97
N LEU B 332 1.63 13.95 -12.88
CA LEU B 332 0.42 13.27 -13.33
C LEU B 332 -0.73 13.21 -12.34
N LYS B 333 -1.91 13.66 -12.75
CA LYS B 333 -3.10 13.62 -11.91
C LYS B 333 -4.23 12.96 -12.68
N ALA B 334 -5.03 12.17 -11.97
CA ALA B 334 -6.19 11.50 -12.56
C ALA B 334 -7.09 11.01 -11.44
N GLN B 335 -8.30 10.60 -11.82
CA GLN B 335 -9.31 10.19 -10.87
C GLN B 335 -10.16 9.08 -11.48
N LYS B 336 -10.77 8.30 -10.60
CA LYS B 336 -11.89 7.45 -10.98
C LYS B 336 -13.17 8.24 -10.81
N LYS B 337 -14.20 7.83 -11.55
CA LYS B 337 -15.45 8.60 -11.58
C LYS B 337 -16.02 8.75 -10.18
N ASP B 338 -16.19 10.00 -9.75
CA ASP B 338 -16.67 10.33 -8.41
C ASP B 338 -15.73 9.81 -7.33
N SER B 339 -14.44 9.97 -7.56
CA SER B 339 -13.39 9.59 -6.63
C SER B 339 -12.33 10.67 -6.62
N PRO B 340 -11.60 10.83 -5.52
CA PRO B 340 -10.56 11.87 -5.47
C PRO B 340 -9.44 11.62 -6.46
N TYR B 341 -8.75 12.70 -6.80
CA TYR B 341 -7.61 12.64 -7.70
C TYR B 341 -6.37 12.16 -6.96
N PHE B 342 -5.42 11.62 -7.73
CA PHE B 342 -4.14 11.19 -7.22
C PHE B 342 -3.03 12.01 -7.87
N GLU B 343 -1.85 11.99 -7.25
CA GLU B 343 -0.72 12.77 -7.71
C GLU B 343 0.54 11.91 -7.63
N LEU B 344 1.07 11.54 -8.78
CA LEU B 344 2.37 10.89 -8.89
C LEU B 344 3.36 11.89 -9.46
N ASP B 345 4.52 12.02 -8.81
CA ASP B 345 5.46 13.06 -9.18
C ASP B 345 5.98 12.88 -10.60
N ILE B 346 6.48 11.68 -10.92
CA ILE B 346 7.04 11.38 -12.23
C ILE B 346 6.56 10.00 -12.65
N PHE B 347 6.09 9.87 -13.90
CA PHE B 347 5.66 8.58 -14.43
C PHE B 347 6.53 8.19 -15.62
N LEU B 348 6.60 6.88 -15.84
CA LEU B 348 7.40 6.34 -16.93
C LEU B 348 6.80 5.02 -17.38
N ILE B 349 6.94 4.70 -18.64
CA ILE B 349 6.42 3.46 -19.22
C ILE B 349 7.52 2.86 -20.08
N ASN B 350 8.09 1.74 -19.62
CA ASN B 350 9.08 0.99 -20.39
C ASN B 350 8.37 -0.19 -21.03
N GLY B 351 8.00 -0.04 -22.30
CA GLY B 351 7.23 -1.07 -22.98
C GLY B 351 5.79 -1.03 -22.53
N TYR B 352 5.39 -1.99 -21.69
CA TYR B 352 4.08 -1.94 -21.05
C TYR B 352 4.17 -2.01 -19.54
N GLN B 353 5.34 -1.75 -18.97
CA GLN B 353 5.53 -1.74 -17.53
C GLN B 353 5.46 -0.31 -17.02
N LEU B 354 4.64 -0.07 -16.00
CA LEU B 354 4.53 1.25 -15.39
C LEU B 354 5.59 1.40 -14.31
N ILE B 355 6.47 2.37 -14.49
CA ILE B 355 7.47 2.72 -13.48
C ILE B 355 7.08 4.08 -12.92
N GLY B 356 6.57 4.09 -11.70
CA GLY B 356 6.18 5.33 -11.02
C GLY B 356 7.24 5.75 -10.04
N ILE B 357 7.61 7.02 -10.09
CA ILE B 357 8.69 7.56 -9.27
C ILE B 357 8.12 8.64 -8.36
N SER B 358 8.28 8.46 -7.06
CA SER B 358 7.87 9.43 -6.05
C SER B 358 9.12 10.08 -5.47
N LEU B 359 9.11 11.40 -5.39
CA LEU B 359 10.30 12.19 -5.03
C LEU B 359 10.09 12.89 -3.70
N THR B 360 11.07 12.78 -2.81
CA THR B 360 11.06 13.44 -1.52
C THR B 360 12.47 13.83 -1.13
N THR B 361 12.64 15.05 -0.64
CA THR B 361 13.93 15.53 -0.16
C THR B 361 14.09 15.35 1.34
N SER B 362 13.52 14.29 1.90
CA SER B 362 13.53 14.07 3.34
C SER B 362 14.50 12.96 3.70
N SER B 363 15.17 13.12 4.83
CA SER B 363 16.05 12.10 5.39
C SER B 363 15.40 11.32 6.52
N THR B 364 14.14 11.61 6.85
CA THR B 364 13.44 10.94 7.93
C THR B 364 12.90 9.60 7.46
N ARG B 365 13.13 8.55 8.24
CA ARG B 365 12.70 7.22 7.83
C ARG B 365 11.17 7.11 7.82
N GLU B 366 10.51 7.75 8.78
CA GLU B 366 9.05 7.64 8.87
C GLU B 366 8.37 8.25 7.65
N LEU B 367 8.72 9.50 7.33
CA LEU B 367 8.09 10.18 6.21
C LEU B 367 8.36 9.45 4.90
N CYS B 368 9.61 9.02 4.68
CA CYS B 368 9.91 8.27 3.46
C CYS B 368 9.17 6.94 3.45
N LYS B 369 9.07 6.28 4.59
CA LYS B 369 8.40 5.01 4.63
C LYS B 369 7.00 5.20 4.11
N LEU B 370 6.31 6.21 4.63
CA LEU B 370 4.94 6.45 4.24
C LEU B 370 4.81 6.76 2.76
N LYS B 371 5.79 7.47 2.23
CA LYS B 371 5.76 7.81 0.82
C LYS B 371 6.02 6.56 -0.01
N GLY B 372 6.61 5.55 0.61
CA GLY B 372 6.80 4.30 -0.10
C GLY B 372 5.51 3.51 -0.24
N PHE B 373 4.74 3.41 0.85
CA PHE B 373 3.43 2.77 0.75
C PHE B 373 2.56 3.45 -0.30
N GLU B 374 2.71 4.77 -0.43
CA GLU B 374 1.89 5.53 -1.38
C GLU B 374 2.22 5.13 -2.81
N VAL B 375 3.50 5.23 -3.19
CA VAL B 375 3.89 4.95 -4.56
C VAL B 375 3.62 3.49 -4.91
N ILE B 376 3.66 2.60 -3.92
CA ILE B 376 3.35 1.19 -4.19
C ILE B 376 1.87 1.04 -4.50
N HIS B 377 1.01 1.62 -3.66
CA HIS B 377 -0.43 1.47 -3.86
C HIS B 377 -0.92 2.21 -5.10
N ARG B 378 -0.28 3.34 -5.43
CA ARG B 378 -0.72 4.10 -6.59
C ARG B 378 -0.44 3.35 -7.88
N VAL B 379 0.80 2.85 -8.05
CA VAL B 379 1.15 2.17 -9.30
C VAL B 379 0.37 0.87 -9.46
N ARG B 380 -0.15 0.29 -8.37
CA ARG B 380 -0.96 -0.90 -8.51
C ARG B 380 -2.39 -0.57 -8.92
N GLN B 381 -2.91 0.59 -8.49
CA GLN B 381 -4.22 1.04 -8.95
C GLN B 381 -4.15 1.62 -10.36
N ILE B 382 -3.02 2.20 -10.71
CA ILE B 382 -2.88 2.93 -11.95
C ILE B 382 -2.37 2.06 -13.09
N GLY B 383 -1.40 1.19 -12.82
CA GLY B 383 -0.78 0.43 -13.89
C GLY B 383 -0.92 -1.08 -13.77
N GLY B 384 -1.41 -1.54 -12.63
CA GLY B 384 -1.61 -2.96 -12.41
C GLY B 384 -0.64 -3.51 -11.37
N ASP B 385 -0.81 -4.81 -11.11
CA ASP B 385 -0.05 -5.50 -10.08
C ASP B 385 1.38 -5.83 -10.50
N GLU B 386 1.78 -5.52 -11.74
CA GLU B 386 3.15 -5.73 -12.18
C GLU B 386 3.83 -4.40 -12.51
N SER B 387 3.49 -3.36 -11.77
CA SER B 387 4.08 -2.03 -11.92
C SER B 387 5.21 -1.87 -10.91
N LYS B 388 6.26 -1.17 -11.34
CA LYS B 388 7.40 -0.90 -10.47
C LYS B 388 7.24 0.46 -9.82
N ALA B 389 7.67 0.56 -8.57
CA ALA B 389 7.65 1.82 -7.82
C ALA B 389 9.07 2.19 -7.42
N ILE B 390 9.40 3.47 -7.58
CA ILE B 390 10.70 3.99 -7.22
C ILE B 390 10.51 5.20 -6.31
N LEU B 391 11.17 5.22 -5.17
CA LEU B 391 11.07 6.30 -4.19
C LEU B 391 12.46 6.88 -3.99
N ILE B 392 12.72 8.03 -4.60
CA ILE B 392 14.02 8.69 -4.49
C ILE B 392 13.98 9.56 -3.25
N THR B 393 14.59 9.09 -2.17
CA THR B 393 14.61 9.77 -0.89
C THR B 393 15.92 10.53 -0.70
N GLY B 394 15.97 11.29 0.38
CA GLY B 394 17.18 11.97 0.81
C GLY B 394 17.97 11.23 1.87
N MET B 395 17.61 9.98 2.16
CA MET B 395 18.28 9.20 3.18
C MET B 395 19.57 8.59 2.65
N ASP B 396 20.39 8.10 3.57
CA ASP B 396 21.65 7.50 3.21
C ASP B 396 21.44 6.05 2.76
N LYS B 397 22.53 5.45 2.26
CA LYS B 397 22.46 4.09 1.71
C LYS B 397 21.91 3.10 2.71
N SER B 398 22.28 3.23 3.98
CA SER B 398 21.79 2.32 5.00
C SER B 398 20.27 2.41 5.14
N LYS B 399 19.73 3.63 5.25
CA LYS B 399 18.30 3.79 5.45
C LYS B 399 17.52 3.34 4.21
N THR B 400 18.07 3.59 3.02
CA THR B 400 17.38 3.19 1.80
C THR B 400 17.25 1.68 1.70
N GLU B 401 18.36 0.96 1.94
CA GLU B 401 18.31 -0.49 1.90
C GLU B 401 17.39 -1.04 2.98
N ASP B 402 17.31 -0.35 4.13
CA ASP B 402 16.38 -0.78 5.18
C ASP B 402 14.94 -0.54 4.74
N LEU B 403 14.65 0.63 4.16
CA LEU B 403 13.31 0.90 3.66
C LEU B 403 12.96 -0.05 2.53
N GLN B 404 13.94 -0.41 1.69
CA GLN B 404 13.69 -1.34 0.60
C GLN B 404 13.30 -2.71 1.12
N LYS B 405 13.87 -3.12 2.25
CA LYS B 405 13.51 -4.41 2.85
C LYS B 405 12.24 -4.32 3.67
N ASP B 406 11.95 -3.15 4.25
CA ASP B 406 10.79 -3.02 5.12
C ASP B 406 9.49 -3.11 4.33
N LEU B 407 9.46 -2.52 3.13
CA LEU B 407 8.24 -2.40 2.34
C LEU B 407 8.16 -3.38 1.19
N ALA B 408 9.17 -4.23 1.02
CA ALA B 408 9.17 -5.14 -0.12
C ALA B 408 8.11 -6.22 0.06
N TYR B 409 7.36 -6.48 -1.01
CA TYR B 409 6.38 -7.54 -1.04
C TYR B 409 6.83 -8.63 -2.01
N GLU B 410 6.36 -9.85 -1.75
CA GLU B 410 6.74 -11.00 -2.56
C GLU B 410 5.70 -11.18 -3.67
N THR B 411 6.08 -10.81 -4.90
CA THR B 411 5.23 -11.03 -6.06
C THR B 411 5.57 -12.34 -6.78
N GLY B 412 6.73 -12.91 -6.52
CA GLY B 412 7.22 -14.08 -7.24
C GLY B 412 8.34 -13.83 -8.24
N SER B 413 8.86 -12.60 -8.34
CA SER B 413 9.93 -12.28 -9.28
C SER B 413 11.24 -12.01 -8.54
N THR B 414 12.35 -12.42 -9.14
CA THR B 414 13.65 -12.13 -8.57
C THR B 414 14.08 -10.69 -8.78
N GLN B 415 13.29 -9.90 -9.52
CA GLN B 415 13.58 -8.49 -9.74
C GLN B 415 12.78 -7.65 -8.75
N LYS B 416 13.42 -6.60 -8.22
CA LYS B 416 12.75 -5.73 -7.28
C LYS B 416 11.68 -4.89 -7.99
N ARG B 417 10.60 -4.62 -7.25
CA ARG B 417 9.55 -3.75 -7.74
C ARG B 417 9.40 -2.49 -6.91
N PHE B 418 10.12 -2.38 -5.79
CA PHE B 418 10.17 -1.17 -4.99
C PHE B 418 11.63 -0.78 -4.81
N VAL B 419 12.03 0.32 -5.44
CA VAL B 419 13.44 0.74 -5.48
C VAL B 419 13.56 2.05 -4.72
N VAL B 420 14.43 2.07 -3.72
CA VAL B 420 14.62 3.24 -2.88
C VAL B 420 15.99 3.85 -3.13
N PHE B 421 16.06 4.80 -4.04
CA PHE B 421 17.29 5.54 -4.25
C PHE B 421 17.49 6.57 -3.14
N GLY B 422 18.75 6.88 -2.85
CA GLY B 422 19.07 7.75 -1.74
C GLY B 422 19.80 9.02 -2.12
N ILE B 423 20.26 9.76 -1.11
CA ILE B 423 20.86 11.08 -1.34
C ILE B 423 22.07 10.97 -2.26
N ASP B 424 22.91 9.95 -2.05
CA ASP B 424 24.13 9.81 -2.83
C ASP B 424 23.84 9.47 -4.29
N ASP B 425 22.67 8.92 -4.59
CA ASP B 425 22.27 8.63 -5.96
C ASP B 425 21.75 9.86 -6.70
N TRP B 426 21.68 11.02 -6.04
CA TRP B 426 21.04 12.18 -6.65
C TRP B 426 21.84 12.71 -7.83
N ALA B 427 23.14 12.90 -7.65
CA ALA B 427 23.95 13.53 -8.70
C ALA B 427 23.90 12.76 -10.01
N ASP B 428 23.91 11.42 -9.93
CA ASP B 428 23.83 10.56 -11.11
C ASP B 428 22.48 9.87 -11.23
N ILE B 429 21.41 10.55 -10.84
CA ILE B 429 20.09 9.92 -10.82
C ILE B 429 19.63 9.58 -12.24
N GLY B 430 20.14 10.31 -13.24
CA GLY B 430 19.78 10.03 -14.62
C GLY B 430 20.19 8.65 -15.07
N SER B 431 21.46 8.33 -14.93
CA SER B 431 21.94 6.99 -15.27
C SER B 431 21.41 5.95 -14.29
N LYS B 432 21.26 6.32 -13.02
CA LYS B 432 20.74 5.39 -12.02
C LYS B 432 19.32 4.95 -12.38
N ILE B 433 18.46 5.89 -12.74
CA ILE B 433 17.11 5.54 -13.14
C ILE B 433 17.11 4.77 -14.46
N CYS B 434 17.96 5.20 -15.40
CA CYS B 434 18.07 4.49 -16.67
C CYS B 434 18.46 3.03 -16.46
N GLU B 435 19.34 2.78 -15.49
CA GLU B 435 19.73 1.42 -15.13
C GLU B 435 18.53 0.63 -14.64
N GLU B 436 17.89 1.11 -13.56
CA GLU B 436 16.84 0.35 -12.91
C GLU B 436 15.64 0.12 -13.82
N VAL B 437 15.38 1.04 -14.75
CA VAL B 437 14.16 0.91 -15.54
C VAL B 437 14.36 -0.01 -16.73
N PHE B 438 15.57 -0.06 -17.28
CA PHE B 438 15.82 -0.73 -18.56
C PHE B 438 16.72 -1.96 -18.44
N LYS B 439 16.91 -2.48 -17.25
CA LYS B 439 17.70 -3.70 -17.06
C LYS B 439 17.07 -4.87 -17.81
MN MN D . -1.17 4.66 14.96
MN MN E . 6.68 14.16 -3.53
#